data_5UD7
#
_entry.id   5UD7
#
_cell.length_a   160.664
_cell.length_b   160.664
_cell.length_c   86.574
_cell.angle_alpha   90.000
_cell.angle_beta   90.000
_cell.angle_gamma   90.000
#
_symmetry.space_group_name_H-M   'P 41 21 2'
#
loop_
_entity.id
_entity.type
_entity.pdbx_description
1 polymer 'Triggering receptor expressed on myeloid cells 2'
2 non-polymer 2-acetamido-2-deoxy-beta-D-glucopyranose
3 non-polymer 'IODIDE ION'
4 non-polymer 'SULFATE ION'
5 water water
#
_entity_poly.entity_id   1
_entity_poly.type   'polypeptide(L)'
_entity_poly.pdbx_seq_one_letter_code
;HDTTVFQGVAGQSLQVSCPYDSMKHWGRRKAWCRQLGEKGPCQRVVSTHNLWLLSFLRRWNGSTAITDDTLGGTLTITLR
NLQPHDAGLYQCQSLHGSEADTLRKVLVEVLADPLDHRDAGDLWFPGESESFEDAHVEHSISRSLLEGEIPFPPTSENLY
FQGHHHHHH
;
_entity_poly.pdbx_strand_id   A,B,C,D,E,F
#
loop_
_chem_comp.id
_chem_comp.type
_chem_comp.name
_chem_comp.formula
IOD non-polymer 'IODIDE ION' 'I -1'
NAG D-saccharide, beta linking 2-acetamido-2-deoxy-beta-D-glucopyranose 'C8 H15 N O6'
SO4 non-polymer 'SULFATE ION' 'O4 S -2'
#
# COMPACT_ATOMS: atom_id res chain seq x y z
N THR A 3 26.41 -6.36 -1.34
CA THR A 3 25.42 -6.44 -2.41
C THR A 3 24.30 -7.43 -2.09
N THR A 4 23.09 -7.14 -2.52
CA THR A 4 21.96 -8.05 -2.38
C THR A 4 21.33 -8.23 -3.76
N VAL A 5 20.84 -9.43 -4.02
CA VAL A 5 20.31 -9.82 -5.32
C VAL A 5 18.80 -9.94 -5.24
N PHE A 6 18.10 -9.28 -6.17
CA PHE A 6 16.67 -9.38 -6.40
C PHE A 6 16.47 -9.91 -7.81
N GLN A 7 15.67 -10.97 -7.96
CA GLN A 7 15.41 -11.52 -9.28
C GLN A 7 13.91 -11.61 -9.52
N GLY A 8 13.50 -11.32 -10.75
CA GLY A 8 12.11 -11.36 -11.10
C GLY A 8 11.92 -11.92 -12.49
N VAL A 9 10.67 -12.29 -12.77
CA VAL A 9 10.29 -12.78 -14.09
C VAL A 9 10.05 -11.59 -15.00
N ALA A 10 10.56 -11.66 -16.22
CA ALA A 10 10.33 -10.61 -17.20
C ALA A 10 8.84 -10.42 -17.46
N GLY A 11 8.46 -9.20 -17.78
CA GLY A 11 7.07 -8.86 -18.04
C GLY A 11 6.19 -8.74 -16.83
N GLN A 12 6.74 -8.97 -15.61
CA GLN A 12 6.03 -8.79 -14.35
C GLN A 12 6.75 -7.76 -13.48
N SER A 13 6.00 -7.15 -12.56
CA SER A 13 6.59 -6.16 -11.67
C SER A 13 7.55 -6.81 -10.69
N LEU A 14 8.66 -6.14 -10.41
CA LEU A 14 9.64 -6.59 -9.43
C LEU A 14 9.69 -5.54 -8.32
N GLN A 15 9.55 -5.99 -7.09
CA GLN A 15 9.59 -5.10 -5.94
C GLN A 15 10.93 -5.26 -5.25
N VAL A 16 11.61 -4.14 -5.05
CA VAL A 16 12.89 -4.12 -4.35
C VAL A 16 12.72 -3.29 -3.09
N SER A 17 13.24 -3.79 -1.97
CA SER A 17 13.18 -3.09 -0.69
C SER A 17 14.59 -2.88 -0.17
N CYS A 18 14.88 -1.65 0.28
CA CYS A 18 16.16 -1.33 0.93
C CYS A 18 15.88 -0.92 2.37
N PRO A 19 16.33 -1.67 3.38
CA PRO A 19 16.21 -1.18 4.74
C PRO A 19 17.33 -0.19 5.07
N TYR A 20 17.06 0.69 6.04
CA TYR A 20 18.05 1.65 6.49
C TYR A 20 17.72 2.09 7.91
N ASP A 21 18.71 2.70 8.55
CA ASP A 21 18.58 3.17 9.93
C ASP A 21 17.77 4.46 9.92
N SER A 22 16.53 4.40 10.41
CA SER A 22 15.64 5.55 10.27
C SER A 22 16.14 6.75 11.06
N MET A 23 16.97 6.53 12.08
CA MET A 23 17.47 7.65 12.86
C MET A 23 18.68 8.30 12.18
N LYS A 24 19.64 7.50 11.70
CA LYS A 24 20.80 8.04 11.02
C LYS A 24 20.42 8.87 9.79
N HIS A 25 19.37 8.48 9.07
CA HIS A 25 18.96 9.18 7.85
C HIS A 25 17.64 9.93 8.01
N TRP A 26 17.28 10.26 9.25
CA TRP A 26 16.09 11.06 9.52
C TRP A 26 16.10 12.35 8.71
N GLY A 27 14.97 12.66 8.06
CA GLY A 27 14.83 13.89 7.31
C GLY A 27 15.44 13.91 5.93
N ARG A 28 16.04 12.81 5.48
CA ARG A 28 16.73 12.79 4.19
C ARG A 28 15.82 12.20 3.12
N ARG A 29 15.80 12.85 1.97
CA ARG A 29 15.21 12.24 0.80
C ARG A 29 16.08 11.08 0.29
N LYS A 30 15.45 10.18 -0.48
CA LYS A 30 16.08 8.97 -1.01
C LYS A 30 16.04 8.99 -2.54
N ALA A 31 16.97 8.24 -3.15
CA ALA A 31 17.00 8.07 -4.60
C ALA A 31 17.42 6.66 -4.96
N TRP A 32 16.95 6.21 -6.12
CA TRP A 32 17.32 4.95 -6.74
C TRP A 32 18.12 5.31 -7.97
N CYS A 33 19.28 4.67 -8.16
CA CYS A 33 20.12 5.06 -9.29
C CYS A 33 20.89 3.86 -9.81
N ARG A 34 21.34 3.99 -11.05
CA ARG A 34 21.97 2.92 -11.81
C ARG A 34 23.47 3.18 -11.97
N GLN A 35 24.32 2.23 -11.57
CA GLN A 35 25.77 2.43 -11.43
C GLN A 35 26.56 1.63 -12.46
N LEU A 36 27.28 2.33 -13.36
CA LEU A 36 28.02 1.67 -14.44
C LEU A 36 29.54 1.81 -14.30
N GLY A 37 30.10 1.31 -13.23
CA GLY A 37 31.52 1.42 -12.95
C GLY A 37 31.73 1.42 -11.44
N GLU A 38 32.89 0.91 -11.01
CA GLU A 38 33.21 0.82 -9.59
C GLU A 38 33.00 2.17 -8.90
N LYS A 39 33.45 3.25 -9.53
CA LYS A 39 33.03 4.60 -9.16
C LYS A 39 32.60 5.34 -10.43
N GLY A 40 31.63 4.73 -11.12
CA GLY A 40 31.16 5.20 -12.39
C GLY A 40 30.13 6.30 -12.25
N PRO A 41 29.53 6.70 -13.38
CA PRO A 41 28.58 7.83 -13.37
C PRO A 41 27.49 7.72 -12.32
N CYS A 42 26.84 6.55 -12.19
CA CYS A 42 25.78 6.35 -11.19
C CYS A 42 24.59 7.26 -11.43
N GLN A 43 23.70 6.89 -12.35
CA GLN A 43 22.72 7.83 -12.89
C GLN A 43 21.37 7.74 -12.18
N ARG A 44 20.86 8.91 -11.78
CA ARG A 44 19.57 9.02 -11.09
C ARG A 44 18.43 8.44 -11.92
N VAL A 45 17.67 7.52 -11.33
CA VAL A 45 16.46 6.97 -11.96
C VAL A 45 15.20 7.63 -11.41
N VAL A 46 15.04 7.64 -10.09
CA VAL A 46 13.87 8.23 -9.45
C VAL A 46 14.24 8.59 -8.02
N SER A 47 13.60 9.63 -7.51
CA SER A 47 13.82 10.07 -6.15
C SER A 47 12.48 10.24 -5.43
N THR A 48 12.54 10.25 -4.10
CA THR A 48 11.32 10.42 -3.33
C THR A 48 10.82 11.87 -3.41
N HIS A 49 9.59 12.08 -2.91
CA HIS A 49 8.93 13.39 -2.88
C HIS A 49 9.88 14.47 -2.39
N ASN A 50 9.79 15.67 -2.99
CA ASN A 50 10.63 16.79 -2.54
C ASN A 50 10.32 17.20 -1.10
N LEU A 51 9.09 16.97 -0.64
CA LEU A 51 8.70 17.22 0.75
C LEU A 51 8.81 15.92 1.56
N TRP A 52 9.72 15.89 2.52
CA TRP A 52 10.05 14.63 3.19
C TRP A 52 8.84 14.03 3.90
N LEU A 53 7.99 14.88 4.51
CA LEU A 53 6.79 14.33 5.14
C LEU A 53 5.83 13.69 4.15
N LEU A 54 6.04 13.83 2.84
CA LEU A 54 5.22 13.12 1.86
C LEU A 54 5.96 11.95 1.21
N SER A 55 6.99 11.44 1.87
CA SER A 55 7.81 10.34 1.34
C SER A 55 7.00 9.10 1.01
N PHE A 56 5.85 8.92 1.66
CA PHE A 56 5.08 7.71 1.46
C PHE A 56 4.31 7.72 0.16
N LEU A 57 4.28 8.87 -0.54
CA LEU A 57 3.55 8.98 -1.79
C LEU A 57 4.39 8.39 -2.91
N ARG A 58 3.77 7.53 -3.72
CA ARG A 58 4.45 6.91 -4.84
C ARG A 58 4.80 7.96 -5.88
N ARG A 59 6.09 8.04 -6.24
CA ARG A 59 6.56 8.87 -7.35
C ARG A 59 6.99 7.97 -8.48
N TRP A 60 6.51 8.25 -9.69
CA TRP A 60 6.91 7.52 -10.88
C TRP A 60 7.94 8.34 -11.66
N ASN A 61 8.93 7.64 -12.24
CA ASN A 61 9.73 8.12 -13.37
C ASN A 61 9.81 7.00 -14.40
N GLY A 62 9.11 7.16 -15.52
CA GLY A 62 9.11 6.09 -16.51
C GLY A 62 8.41 4.87 -15.95
N SER A 63 9.04 3.71 -16.07
CA SER A 63 8.51 2.46 -15.55
C SER A 63 9.08 2.10 -14.18
N THR A 64 9.60 3.06 -13.43
CA THR A 64 10.06 2.82 -12.06
C THR A 64 9.32 3.70 -11.08
N ALA A 65 8.89 3.10 -9.95
CA ALA A 65 8.21 3.80 -8.85
C ALA A 65 9.00 3.61 -7.56
N ILE A 66 8.95 4.63 -6.70
CA ILE A 66 9.61 4.61 -5.40
C ILE A 66 8.63 5.07 -4.33
N THR A 67 8.63 4.38 -3.18
CA THR A 67 7.94 4.82 -1.97
C THR A 67 8.88 4.62 -0.79
N ASP A 68 8.84 5.54 0.17
CA ASP A 68 9.67 5.47 1.37
C ASP A 68 8.82 5.35 2.63
N ASP A 69 9.16 4.38 3.49
CA ASP A 69 8.56 4.25 4.82
C ASP A 69 9.60 4.72 5.85
N THR A 70 9.51 6.01 6.22
CA THR A 70 10.52 6.63 7.06
C THR A 70 10.40 6.24 8.51
N LEU A 71 9.24 5.76 8.95
CA LEU A 71 9.11 5.23 10.30
C LEU A 71 9.75 3.85 10.41
N GLY A 72 9.37 2.92 9.55
CA GLY A 72 10.05 1.63 9.57
C GLY A 72 11.48 1.63 9.03
N GLY A 73 11.87 2.68 8.31
CA GLY A 73 13.17 2.69 7.65
C GLY A 73 13.21 1.67 6.54
N THR A 74 12.23 1.70 5.65
CA THR A 74 12.19 0.81 4.50
C THR A 74 11.87 1.63 3.26
N LEU A 75 12.73 1.52 2.27
CA LEU A 75 12.57 2.18 0.98
C LEU A 75 12.14 1.10 -0.02
N THR A 76 11.04 1.33 -0.72
CA THR A 76 10.53 0.35 -1.67
C THR A 76 10.56 0.89 -3.09
N ILE A 77 11.15 0.11 -3.99
CA ILE A 77 11.25 0.46 -5.40
C ILE A 77 10.47 -0.57 -6.20
N THR A 78 9.72 -0.10 -7.19
CA THR A 78 8.94 -0.99 -8.04
C THR A 78 9.43 -0.84 -9.48
N LEU A 79 9.94 -1.94 -10.05
CA LEU A 79 10.32 -2.01 -11.45
C LEU A 79 9.15 -2.63 -12.16
N ARG A 80 8.36 -1.81 -12.83
CA ARG A 80 7.18 -2.28 -13.51
C ARG A 80 7.57 -2.94 -14.82
N ASN A 81 6.87 -4.03 -15.18
CA ASN A 81 7.11 -4.68 -16.47
C ASN A 81 8.61 -4.95 -16.70
N LEU A 82 9.18 -5.80 -15.86
CA LEU A 82 10.63 -6.01 -15.87
C LEU A 82 11.07 -6.62 -17.19
N GLN A 83 12.14 -6.09 -17.77
CA GLN A 83 12.71 -6.60 -19.02
C GLN A 83 14.21 -6.82 -18.86
N PRO A 84 14.83 -7.64 -19.73
CA PRO A 84 16.27 -7.88 -19.61
C PRO A 84 17.11 -6.62 -19.53
N HIS A 85 16.77 -5.57 -20.28
CA HIS A 85 17.56 -4.34 -20.19
C HIS A 85 17.55 -3.70 -18.81
N ASP A 86 16.69 -4.16 -17.89
CA ASP A 86 16.69 -3.63 -16.53
C ASP A 86 17.77 -4.26 -15.66
N ALA A 87 18.33 -5.39 -16.08
CA ALA A 87 19.31 -6.06 -15.25
C ALA A 87 20.53 -5.17 -15.03
N GLY A 88 21.21 -5.40 -13.91
CA GLY A 88 22.42 -4.67 -13.61
C GLY A 88 22.45 -4.23 -12.16
N LEU A 89 23.43 -3.37 -11.88
CA LEU A 89 23.70 -2.88 -10.54
C LEU A 89 23.02 -1.54 -10.32
N TYR A 90 22.42 -1.39 -9.14
CA TYR A 90 21.74 -0.17 -8.74
C TYR A 90 22.14 0.19 -7.31
N GLN A 91 21.86 1.45 -6.94
CA GLN A 91 22.10 1.93 -5.59
C GLN A 91 20.85 2.58 -5.03
N CYS A 92 20.48 2.19 -3.81
CA CYS A 92 19.62 3.00 -2.94
C CYS A 92 20.51 4.03 -2.27
N GLN A 93 20.13 5.30 -2.33
CA GLN A 93 20.95 6.36 -1.78
C GLN A 93 20.11 7.29 -0.90
N SER A 94 20.76 7.88 0.09
CA SER A 94 20.15 8.88 0.96
C SER A 94 20.77 10.24 0.64
N LEU A 95 19.93 11.23 0.36
CA LEU A 95 20.42 12.56 -0.06
C LEU A 95 20.53 13.54 1.11
N HIS A 96 21.60 14.32 1.12
CA HIS A 96 21.72 15.44 2.04
C HIS A 96 22.73 16.42 1.46
N GLY A 97 22.31 17.67 1.29
CA GLY A 97 23.14 18.62 0.57
C GLY A 97 23.21 18.23 -0.88
N SER A 98 24.43 18.11 -1.40
CA SER A 98 24.68 17.61 -2.74
C SER A 98 25.50 16.31 -2.73
N GLU A 99 25.56 15.64 -1.58
CA GLU A 99 26.15 14.31 -1.44
C GLU A 99 25.05 13.25 -1.40
N ALA A 100 25.42 12.00 -1.72
CA ALA A 100 24.53 10.85 -1.59
C ALA A 100 25.30 9.71 -0.90
N ASP A 101 24.77 9.21 0.22
CA ASP A 101 25.32 8.06 0.91
C ASP A 101 24.61 6.78 0.46
N THR A 102 25.37 5.71 0.29
CA THR A 102 24.80 4.47 -0.22
C THR A 102 24.09 3.71 0.90
N LEU A 103 22.79 3.48 0.73
CA LEU A 103 22.09 2.64 1.70
C LEU A 103 22.25 1.17 1.36
N ARG A 104 22.29 0.84 0.08
CA ARG A 104 22.38 -0.56 -0.32
C ARG A 104 22.67 -0.64 -1.79
N LYS A 105 23.49 -1.61 -2.18
CA LYS A 105 23.75 -1.93 -3.58
C LYS A 105 22.91 -3.14 -3.96
N VAL A 106 22.24 -3.06 -5.11
CA VAL A 106 21.25 -4.06 -5.50
C VAL A 106 21.55 -4.54 -6.92
N LEU A 107 21.65 -5.86 -7.09
CA LEU A 107 21.74 -6.46 -8.42
C LEU A 107 20.36 -6.96 -8.81
N VAL A 108 19.86 -6.44 -9.91
CA VAL A 108 18.63 -6.90 -10.51
C VAL A 108 18.98 -7.93 -11.57
N GLU A 109 18.46 -9.14 -11.40
CA GLU A 109 18.55 -10.22 -12.37
C GLU A 109 17.17 -10.52 -12.94
N VAL A 110 17.14 -10.94 -14.20
CA VAL A 110 15.88 -11.17 -14.92
C VAL A 110 15.85 -12.64 -15.35
N LEU A 111 14.86 -13.38 -14.85
CA LEU A 111 14.63 -14.76 -15.26
C LEU A 111 13.84 -14.83 -16.57
N ASP B 2 2.26 -12.64 -25.80
CA ASP B 2 2.10 -13.98 -25.23
C ASP B 2 1.36 -13.92 -23.89
N THR B 3 1.18 -15.09 -23.25
CA THR B 3 0.42 -15.18 -22.01
C THR B 3 1.37 -15.34 -20.82
N THR B 4 1.37 -14.36 -19.92
CA THR B 4 2.21 -14.37 -18.73
C THR B 4 1.78 -15.46 -17.76
N VAL B 5 2.76 -16.09 -17.10
CA VAL B 5 2.50 -17.14 -16.12
C VAL B 5 2.84 -16.60 -14.74
N PHE B 6 1.93 -16.80 -13.80
CA PHE B 6 2.13 -16.45 -12.40
C PHE B 6 1.97 -17.72 -11.58
N GLN B 7 2.87 -17.90 -10.62
CA GLN B 7 2.90 -19.08 -9.78
C GLN B 7 2.77 -18.66 -8.33
N GLY B 8 1.90 -19.33 -7.59
CA GLY B 8 1.74 -19.04 -6.18
C GLY B 8 1.55 -20.32 -5.38
N VAL B 9 1.91 -20.24 -4.11
CA VAL B 9 1.75 -21.36 -3.19
C VAL B 9 0.33 -21.37 -2.65
N ALA B 10 -0.27 -22.56 -2.59
CA ALA B 10 -1.63 -22.70 -2.09
C ALA B 10 -1.69 -22.26 -0.64
N GLY B 11 -2.79 -21.60 -0.27
CA GLY B 11 -2.95 -21.06 1.07
C GLY B 11 -2.27 -19.74 1.32
N GLN B 12 -1.72 -19.11 0.28
CA GLN B 12 -1.07 -17.81 0.37
C GLN B 12 -1.67 -16.88 -0.67
N SER B 13 -1.36 -15.59 -0.54
CA SER B 13 -1.85 -14.60 -1.47
C SER B 13 -0.94 -14.53 -2.69
N LEU B 14 -1.56 -14.37 -3.87
CA LEU B 14 -0.85 -14.29 -5.14
C LEU B 14 -1.15 -12.95 -5.80
N GLN B 15 -0.10 -12.19 -6.11
CA GLN B 15 -0.25 -10.86 -6.72
C GLN B 15 0.05 -10.95 -8.21
N VAL B 16 -0.96 -10.70 -9.03
CA VAL B 16 -0.86 -10.67 -10.48
C VAL B 16 -0.85 -9.20 -10.93
N SER B 17 0.16 -8.82 -11.70
CA SER B 17 0.24 -7.48 -12.25
C SER B 17 0.07 -7.49 -13.77
N CYS B 18 -0.44 -6.41 -14.30
CA CYS B 18 -0.73 -6.27 -15.73
C CYS B 18 -0.33 -4.87 -16.13
N PRO B 19 0.82 -4.69 -16.80
CA PRO B 19 1.16 -3.36 -17.33
C PRO B 19 0.25 -3.03 -18.51
N TYR B 20 0.06 -1.75 -18.74
CA TYR B 20 -0.66 -1.29 -19.91
C TYR B 20 -0.21 0.13 -20.21
N ASP B 21 -0.59 0.63 -21.38
CA ASP B 21 -0.21 1.97 -21.80
C ASP B 21 -1.23 2.97 -21.27
N SER B 22 -0.77 3.93 -20.48
CA SER B 22 -1.70 4.79 -19.75
C SER B 22 -2.39 5.78 -20.66
N MET B 23 -1.78 6.13 -21.79
CA MET B 23 -2.41 7.04 -22.74
C MET B 23 -3.47 6.32 -23.56
N LYS B 24 -3.08 5.20 -24.18
CA LYS B 24 -4.03 4.40 -24.96
C LYS B 24 -5.32 4.14 -24.18
N HIS B 25 -5.20 3.79 -22.90
CA HIS B 25 -6.37 3.43 -22.11
C HIS B 25 -6.77 4.53 -21.13
N TRP B 26 -6.35 5.77 -21.36
CA TRP B 26 -6.73 6.87 -20.49
C TRP B 26 -8.23 6.93 -20.33
N GLY B 27 -8.69 7.00 -19.07
CA GLY B 27 -10.09 7.13 -18.79
C GLY B 27 -10.88 5.83 -18.75
N ARG B 28 -10.23 4.68 -18.92
CA ARG B 28 -10.94 3.42 -19.06
C ARG B 28 -10.89 2.59 -17.78
N ARG B 29 -12.04 2.04 -17.40
CA ARG B 29 -12.06 1.09 -16.31
C ARG B 29 -11.44 -0.23 -16.75
N LYS B 30 -11.05 -1.04 -15.79
CA LYS B 30 -10.46 -2.34 -16.09
C LYS B 30 -11.25 -3.44 -15.39
N ALA B 31 -10.98 -4.67 -15.81
CA ALA B 31 -11.70 -5.83 -15.32
C ALA B 31 -10.77 -7.02 -15.35
N TRP B 32 -11.16 -8.03 -14.57
CA TRP B 32 -10.46 -9.29 -14.44
C TRP B 32 -11.48 -10.41 -14.60
N CYS B 33 -11.24 -11.32 -15.53
CA CYS B 33 -12.19 -12.40 -15.80
C CYS B 33 -11.47 -13.72 -16.01
N ARG B 34 -12.22 -14.80 -15.79
CA ARG B 34 -11.76 -16.17 -15.96
C ARG B 34 -12.28 -16.73 -17.27
N GLN B 35 -11.45 -17.51 -17.97
CA GLN B 35 -11.92 -18.29 -19.12
C GLN B 35 -12.56 -19.59 -18.63
N LEU B 36 -13.65 -19.99 -19.26
CA LEU B 36 -14.28 -21.26 -18.93
C LEU B 36 -13.87 -22.36 -19.91
N PRO B 41 -15.52 -18.46 -23.43
CA PRO B 41 -16.00 -17.18 -22.91
C PRO B 41 -15.25 -16.71 -21.66
N CYS B 42 -15.20 -15.40 -21.47
CA CYS B 42 -14.52 -14.79 -20.32
C CYS B 42 -15.57 -14.32 -19.32
N GLN B 43 -15.62 -14.99 -18.17
CA GLN B 43 -16.60 -14.66 -17.13
C GLN B 43 -16.01 -13.64 -16.16
N ARG B 44 -16.64 -12.46 -16.10
CA ARG B 44 -16.15 -11.35 -15.28
C ARG B 44 -16.03 -11.74 -13.80
N VAL B 45 -14.90 -11.38 -13.20
CA VAL B 45 -14.69 -11.65 -11.78
C VAL B 45 -14.83 -10.35 -10.99
N VAL B 46 -13.98 -9.35 -11.27
CA VAL B 46 -14.02 -8.03 -10.63
C VAL B 46 -13.68 -6.96 -11.64
N SER B 47 -14.21 -5.75 -11.40
CA SER B 47 -13.82 -4.55 -12.11
C SER B 47 -13.36 -3.47 -11.15
N THR B 48 -12.57 -2.52 -11.66
CA THR B 48 -12.18 -1.35 -10.89
C THR B 48 -13.36 -0.40 -10.68
N HIS B 49 -13.14 0.60 -9.82
CA HIS B 49 -14.16 1.54 -9.41
C HIS B 49 -14.88 2.17 -10.60
N ASN B 50 -16.20 2.35 -10.46
CA ASN B 50 -17.00 2.95 -11.52
C ASN B 50 -16.59 4.39 -11.83
N LEU B 51 -16.04 5.11 -10.84
CA LEU B 51 -15.47 6.44 -11.04
C LEU B 51 -13.97 6.29 -11.27
N TRP B 52 -13.55 6.58 -12.51
CA TRP B 52 -12.16 6.37 -12.94
C TRP B 52 -11.16 7.11 -12.06
N LEU B 53 -11.53 8.25 -11.48
CA LEU B 53 -10.59 8.97 -10.62
C LEU B 53 -10.40 8.30 -9.26
N LEU B 54 -11.19 7.29 -8.93
CA LEU B 54 -10.96 6.48 -7.75
C LEU B 54 -10.54 5.06 -8.10
N SER B 55 -9.88 4.87 -9.24
CA SER B 55 -9.43 3.54 -9.66
C SER B 55 -8.41 2.96 -8.69
N PHE B 56 -7.75 3.80 -7.89
CA PHE B 56 -6.83 3.31 -6.89
C PHE B 56 -7.52 2.63 -5.72
N LEU B 57 -8.84 2.76 -5.58
CA LEU B 57 -9.54 2.16 -4.45
C LEU B 57 -9.68 0.66 -4.66
N ARG B 58 -9.20 -0.14 -3.71
CA ARG B 58 -9.29 -1.59 -3.82
C ARG B 58 -10.74 -2.06 -3.80
N ARG B 59 -11.14 -2.82 -4.81
CA ARG B 59 -12.45 -3.46 -4.83
C ARG B 59 -12.27 -4.97 -4.69
N TRP B 60 -13.15 -5.60 -3.89
CA TRP B 60 -13.15 -7.04 -3.70
C TRP B 60 -14.37 -7.69 -4.33
N ASN B 61 -14.18 -8.93 -4.76
CA ASN B 61 -15.27 -9.86 -5.04
C ASN B 61 -14.82 -11.23 -4.58
N GLY B 62 -15.38 -11.71 -3.48
CA GLY B 62 -14.95 -12.99 -2.94
C GLY B 62 -13.51 -12.92 -2.52
N SER B 63 -12.71 -13.92 -2.92
CA SER B 63 -11.29 -13.93 -2.65
C SER B 63 -10.46 -13.24 -3.73
N THR B 64 -11.05 -12.35 -4.52
CA THR B 64 -10.29 -11.62 -5.53
C THR B 64 -10.46 -10.12 -5.33
N ALA B 65 -9.33 -9.40 -5.33
CA ALA B 65 -9.32 -7.95 -5.19
C ALA B 65 -8.63 -7.33 -6.40
N ILE B 66 -8.97 -6.09 -6.70
CA ILE B 66 -8.36 -5.41 -7.83
C ILE B 66 -8.14 -3.94 -7.50
N THR B 67 -7.01 -3.40 -7.96
CA THR B 67 -6.70 -1.99 -7.88
C THR B 67 -5.94 -1.58 -9.15
N ASP B 68 -6.05 -0.29 -9.49
CA ASP B 68 -5.53 0.28 -10.73
C ASP B 68 -4.68 1.50 -10.42
N ASP B 69 -3.48 1.56 -10.95
CA ASP B 69 -2.66 2.76 -10.89
C ASP B 69 -2.59 3.31 -12.31
N THR B 70 -3.44 4.32 -12.58
CA THR B 70 -3.64 4.81 -13.92
C THR B 70 -2.53 5.71 -14.40
N LEU B 71 -1.78 6.30 -13.46
CA LEU B 71 -0.64 7.13 -13.83
C LEU B 71 0.56 6.26 -14.21
N GLY B 72 0.87 5.25 -13.39
CA GLY B 72 1.93 4.32 -13.74
C GLY B 72 1.55 3.35 -14.84
N GLY B 73 0.26 3.12 -15.05
CA GLY B 73 -0.18 2.16 -16.04
C GLY B 73 0.01 0.73 -15.59
N THR B 74 -0.47 0.39 -14.39
CA THR B 74 -0.37 -0.96 -13.85
C THR B 74 -1.66 -1.34 -13.13
N LEU B 75 -2.16 -2.51 -13.46
CA LEU B 75 -3.33 -3.09 -12.82
C LEU B 75 -2.84 -4.21 -11.91
N THR B 76 -3.34 -4.24 -10.68
CA THR B 76 -2.89 -5.22 -9.70
C THR B 76 -4.10 -6.01 -9.23
N ILE B 77 -3.98 -7.33 -9.29
CA ILE B 77 -5.03 -8.25 -8.87
C ILE B 77 -4.45 -9.13 -7.78
N THR B 78 -5.21 -9.28 -6.71
CA THR B 78 -4.83 -10.09 -5.55
C THR B 78 -5.74 -11.31 -5.53
N LEU B 79 -5.15 -12.51 -5.59
CA LEU B 79 -5.87 -13.77 -5.42
C LEU B 79 -5.62 -14.22 -3.99
N ARG B 80 -6.60 -14.02 -3.13
CA ARG B 80 -6.43 -14.28 -1.72
C ARG B 80 -6.56 -15.78 -1.45
N ASN B 81 -5.73 -16.29 -0.54
CA ASN B 81 -5.82 -17.68 -0.09
C ASN B 81 -5.86 -18.63 -1.30
N LEU B 82 -4.83 -18.54 -2.15
CA LEU B 82 -4.86 -19.22 -3.44
C LEU B 82 -5.08 -20.72 -3.27
N GLN B 83 -5.94 -21.29 -4.13
CA GLN B 83 -6.33 -22.68 -4.07
C GLN B 83 -6.16 -23.34 -5.44
N PRO B 84 -5.95 -24.67 -5.47
CA PRO B 84 -5.71 -25.34 -6.75
C PRO B 84 -6.84 -25.16 -7.75
N HIS B 85 -8.08 -24.95 -7.30
CA HIS B 85 -9.16 -24.70 -8.26
C HIS B 85 -9.09 -23.31 -8.86
N ASP B 86 -8.28 -22.41 -8.32
CA ASP B 86 -8.05 -21.11 -8.94
C ASP B 86 -7.13 -21.19 -10.13
N ALA B 87 -6.43 -22.31 -10.33
CA ALA B 87 -5.52 -22.43 -11.48
C ALA B 87 -6.32 -22.40 -12.78
N GLY B 88 -5.70 -21.82 -13.81
CA GLY B 88 -6.41 -21.66 -15.06
C GLY B 88 -5.99 -20.38 -15.75
N LEU B 89 -6.83 -19.96 -16.71
CA LEU B 89 -6.55 -18.86 -17.62
C LEU B 89 -7.48 -17.69 -17.36
N TYR B 90 -6.91 -16.48 -17.37
CA TYR B 90 -7.64 -15.28 -17.02
C TYR B 90 -7.28 -14.18 -18.02
N GLN B 91 -7.97 -13.04 -17.92
CA GLN B 91 -7.70 -11.91 -18.79
C GLN B 91 -7.82 -10.60 -18.01
N CYS B 92 -6.79 -9.77 -18.09
CA CYS B 92 -6.89 -8.35 -17.78
C CYS B 92 -7.51 -7.66 -19.00
N GLN B 93 -8.55 -6.88 -18.79
CA GLN B 93 -9.22 -6.20 -19.89
C GLN B 93 -9.39 -4.71 -19.58
N SER B 94 -9.54 -3.93 -20.65
CA SER B 94 -9.84 -2.52 -20.56
C SER B 94 -11.17 -2.25 -21.25
N LEU B 95 -12.09 -1.60 -20.55
CA LEU B 95 -13.48 -1.47 -20.97
C LEU B 95 -13.75 -0.11 -21.60
N HIS B 96 -14.51 -0.10 -22.69
CA HIS B 96 -15.01 1.16 -23.24
C HIS B 96 -16.27 0.87 -24.05
N GLY B 97 -17.33 1.63 -23.78
CA GLY B 97 -18.62 1.27 -24.32
C GLY B 97 -19.01 -0.09 -23.81
N SER B 98 -19.25 -1.03 -24.73
CA SER B 98 -19.57 -2.41 -24.35
C SER B 98 -18.51 -3.39 -24.84
N GLU B 99 -17.36 -2.91 -25.31
CA GLU B 99 -16.26 -3.75 -25.72
C GLU B 99 -15.25 -3.92 -24.60
N ALA B 100 -14.46 -4.99 -24.69
CA ALA B 100 -13.47 -5.34 -23.66
C ALA B 100 -12.19 -5.74 -24.38
N ASP B 101 -11.28 -4.78 -24.54
CA ASP B 101 -9.97 -5.08 -25.11
C ASP B 101 -9.12 -5.85 -24.11
N THR B 102 -8.58 -6.98 -24.52
CA THR B 102 -7.65 -7.73 -23.70
C THR B 102 -6.33 -6.99 -23.55
N LEU B 103 -5.82 -6.92 -22.31
CA LEU B 103 -4.53 -6.33 -22.03
C LEU B 103 -3.46 -7.36 -21.76
N ARG B 104 -3.83 -8.51 -21.21
CA ARG B 104 -2.89 -9.57 -20.90
C ARG B 104 -3.68 -10.86 -20.73
N LYS B 105 -3.12 -11.95 -21.23
CA LYS B 105 -3.59 -13.27 -20.88
C LYS B 105 -2.68 -13.79 -19.78
N VAL B 106 -3.28 -14.30 -18.72
CA VAL B 106 -2.54 -14.72 -17.53
C VAL B 106 -2.87 -16.17 -17.26
N LEU B 107 -1.85 -16.96 -16.96
CA LEU B 107 -2.02 -18.34 -16.55
C LEU B 107 -1.58 -18.43 -15.10
N VAL B 108 -2.46 -18.96 -14.25
CA VAL B 108 -2.21 -19.06 -12.82
C VAL B 108 -1.89 -20.51 -12.50
N GLU B 109 -0.73 -20.73 -11.90
CA GLU B 109 -0.32 -22.05 -11.44
C GLU B 109 -0.22 -22.07 -9.92
N VAL B 110 -0.66 -23.17 -9.33
CA VAL B 110 -0.63 -23.37 -7.88
C VAL B 110 0.34 -24.49 -7.55
N LEU B 111 1.07 -24.34 -6.44
CA LEU B 111 2.07 -25.31 -6.03
C LEU B 111 1.82 -25.84 -4.62
N ALA B 112 2.86 -26.43 -4.00
CA ALA B 112 2.75 -26.95 -2.63
C ALA B 112 3.44 -26.02 -1.62
N THR C 3 0.13 -25.89 9.39
CA THR C 3 1.03 -24.79 9.74
C THR C 3 1.94 -24.44 8.55
N THR C 4 1.57 -23.37 7.84
CA THR C 4 2.18 -23.00 6.56
C THR C 4 3.65 -22.60 6.72
N VAL C 5 4.41 -22.72 5.63
CA VAL C 5 5.82 -22.35 5.62
C VAL C 5 5.99 -21.15 4.69
N PHE C 6 6.62 -20.11 5.20
CA PHE C 6 6.93 -18.92 4.41
C PHE C 6 8.45 -18.80 4.31
N GLN C 7 8.96 -18.81 3.09
CA GLN C 7 10.39 -18.81 2.82
C GLN C 7 10.82 -17.43 2.38
N GLY C 8 11.90 -16.91 2.96
CA GLY C 8 12.37 -15.58 2.60
C GLY C 8 13.87 -15.51 2.46
N VAL C 9 14.32 -14.66 1.54
CA VAL C 9 15.74 -14.39 1.35
C VAL C 9 16.24 -13.47 2.46
N ALA C 10 17.41 -13.81 3.03
CA ALA C 10 17.99 -12.96 4.07
C ALA C 10 18.38 -11.60 3.50
N GLY C 11 18.30 -10.57 4.36
CA GLY C 11 18.51 -9.20 3.93
C GLY C 11 17.36 -8.56 3.20
N GLN C 12 16.26 -9.28 2.99
CA GLN C 12 15.10 -8.73 2.28
C GLN C 12 13.85 -8.80 3.16
N SER C 13 12.82 -8.05 2.78
CA SER C 13 11.61 -8.09 3.58
C SER C 13 10.74 -9.27 3.14
N LEU C 14 10.24 -10.02 4.11
CA LEU C 14 9.41 -11.19 3.87
C LEU C 14 7.96 -10.87 4.24
N GLN C 15 7.03 -11.16 3.33
CA GLN C 15 5.63 -10.86 3.57
C GLN C 15 4.87 -12.13 3.93
N VAL C 16 4.27 -12.14 5.11
CA VAL C 16 3.43 -13.23 5.59
C VAL C 16 1.98 -12.81 5.47
N SER C 17 1.18 -13.63 4.80
CA SER C 17 -0.22 -13.31 4.56
C SER C 17 -1.07 -14.40 5.16
N CYS C 18 -2.22 -14.00 5.76
CA CYS C 18 -2.88 -14.82 6.75
C CYS C 18 -4.40 -14.63 6.61
N PRO C 19 -5.07 -15.54 5.89
CA PRO C 19 -6.48 -15.29 5.58
C PRO C 19 -7.34 -15.76 6.74
N TYR C 20 -8.48 -15.09 6.90
CA TYR C 20 -9.38 -15.42 7.99
C TYR C 20 -10.81 -15.10 7.58
N ASP C 21 -11.75 -15.74 8.27
CA ASP C 21 -13.17 -15.54 8.00
C ASP C 21 -13.57 -14.14 8.48
N SER C 22 -13.90 -13.24 7.56
CA SER C 22 -14.07 -11.85 7.97
C SER C 22 -15.34 -11.62 8.79
N MET C 23 -16.36 -12.47 8.64
CA MET C 23 -17.58 -12.30 9.44
C MET C 23 -17.44 -12.91 10.83
N LYS C 24 -16.78 -14.07 10.94
CA LYS C 24 -16.65 -14.67 12.26
C LYS C 24 -15.63 -13.95 13.12
N HIS C 25 -14.71 -13.18 12.55
CA HIS C 25 -13.76 -12.41 13.36
C HIS C 25 -14.03 -10.91 13.29
N TRP C 26 -15.26 -10.54 12.95
CA TRP C 26 -15.69 -9.15 12.82
C TRP C 26 -15.40 -8.34 14.08
N GLY C 27 -14.90 -7.11 13.90
CA GLY C 27 -14.59 -6.23 15.01
C GLY C 27 -13.39 -6.62 15.87
N ARG C 28 -12.70 -7.71 15.55
CA ARG C 28 -11.63 -8.22 16.40
C ARG C 28 -10.27 -7.72 15.94
N ARG C 29 -9.45 -7.27 16.90
CA ARG C 29 -8.04 -7.01 16.69
C ARG C 29 -7.26 -8.31 16.46
N LYS C 30 -6.13 -8.19 15.74
CA LYS C 30 -5.27 -9.32 15.43
C LYS C 30 -3.85 -9.09 15.96
N ALA C 31 -3.09 -10.16 16.11
CA ALA C 31 -1.73 -10.05 16.62
C ALA C 31 -0.83 -11.07 15.95
N TRP C 32 0.46 -10.77 15.99
CA TRP C 32 1.52 -11.66 15.53
C TRP C 32 2.39 -11.97 16.74
N CYS C 33 2.63 -13.25 17.01
CA CYS C 33 3.51 -13.59 18.11
C CYS C 33 4.47 -14.69 17.70
N ARG C 34 5.54 -14.84 18.48
CA ARG C 34 6.58 -15.81 18.20
C ARG C 34 6.58 -16.90 19.28
N GLN C 35 6.58 -18.16 18.85
CA GLN C 35 6.72 -19.28 19.77
C GLN C 35 8.12 -19.31 20.36
N LEU C 36 8.21 -19.62 21.65
CA LEU C 36 9.52 -19.70 22.29
C LEU C 36 9.80 -21.10 22.87
N GLY C 40 6.69 -24.13 24.45
CA GLY C 40 6.95 -22.74 24.81
C GLY C 40 5.74 -21.83 24.61
N PRO C 41 5.67 -20.73 25.37
CA PRO C 41 4.60 -19.76 25.16
C PRO C 41 4.82 -18.92 23.91
N CYS C 42 3.72 -18.32 23.43
CA CYS C 42 3.74 -17.41 22.28
C CYS C 42 3.86 -15.98 22.80
N GLN C 43 5.02 -15.35 22.58
CA GLN C 43 5.24 -13.99 23.05
C GLN C 43 4.83 -12.97 21.98
N ARG C 44 4.06 -11.96 22.40
CA ARG C 44 3.47 -10.98 21.50
C ARG C 44 4.54 -10.13 20.79
N VAL C 45 4.42 -9.99 19.47
CA VAL C 45 5.36 -9.17 18.68
C VAL C 45 4.71 -7.84 18.25
N VAL C 46 3.64 -7.90 17.45
CA VAL C 46 2.92 -6.72 16.98
C VAL C 46 1.43 -7.00 17.01
N SER C 47 0.64 -5.95 17.19
CA SER C 47 -0.80 -6.06 17.03
C SER C 47 -1.33 -4.94 16.12
N THR C 48 -2.51 -5.17 15.58
CA THR C 48 -3.13 -4.20 14.72
C THR C 48 -3.65 -3.02 15.55
N HIS C 49 -4.04 -1.96 14.84
CA HIS C 49 -4.52 -0.73 15.49
C HIS C 49 -5.56 -1.05 16.56
N ASN C 50 -5.46 -0.35 17.68
CA ASN C 50 -6.44 -0.51 18.74
C ASN C 50 -7.84 -0.16 18.25
N LEU C 51 -7.98 0.84 17.36
CA LEU C 51 -9.26 1.18 16.76
C LEU C 51 -9.52 0.30 15.53
N TRP C 52 -10.52 -0.58 15.61
CA TRP C 52 -10.68 -1.59 14.57
C TRP C 52 -10.89 -0.97 13.20
N LEU C 53 -11.53 0.21 13.11
CA LEU C 53 -11.81 0.78 11.79
C LEU C 53 -10.57 1.38 11.13
N LEU C 54 -9.45 1.50 11.85
CA LEU C 54 -8.16 1.91 11.29
C LEU C 54 -7.16 0.75 11.24
N SER C 55 -7.64 -0.51 11.18
CA SER C 55 -6.76 -1.68 11.09
C SER C 55 -5.89 -1.67 9.84
N PHE C 56 -6.32 -0.99 8.78
CA PHE C 56 -5.50 -0.91 7.58
C PHE C 56 -4.22 -0.14 7.82
N LEU C 57 -4.09 0.59 8.92
CA LEU C 57 -2.92 1.42 9.17
C LEU C 57 -1.74 0.58 9.66
N ARG C 58 -0.61 0.70 8.98
CA ARG C 58 0.54 -0.13 9.29
C ARG C 58 1.08 0.21 10.67
N ARG C 59 1.33 -0.81 11.49
CA ARG C 59 1.96 -0.61 12.79
C ARG C 59 3.27 -1.40 12.82
N TRP C 60 4.31 -0.77 13.34
CA TRP C 60 5.63 -1.36 13.45
C TRP C 60 5.94 -1.65 14.90
N ASN C 61 6.61 -2.78 15.14
CA ASN C 61 7.41 -3.00 16.35
C ASN C 61 8.75 -3.58 15.92
N GLY C 62 9.81 -2.76 16.01
CA GLY C 62 11.12 -3.23 15.56
C GLY C 62 11.12 -3.43 14.05
N SER C 63 11.60 -4.59 13.60
CA SER C 63 11.60 -4.93 12.17
C SER C 63 10.38 -5.78 11.78
N THR C 64 9.25 -5.59 12.44
CA THR C 64 8.02 -6.30 12.11
C THR C 64 6.90 -5.29 11.96
N ALA C 65 6.15 -5.40 10.87
CA ALA C 65 5.00 -4.54 10.62
C ALA C 65 3.77 -5.40 10.41
N ILE C 66 2.61 -4.84 10.71
CA ILE C 66 1.35 -5.54 10.54
C ILE C 66 0.29 -4.59 9.98
N THR C 67 -0.56 -5.14 9.12
CA THR C 67 -1.69 -4.42 8.56
C THR C 67 -2.80 -5.43 8.34
N ASP C 68 -4.05 -4.96 8.38
CA ASP C 68 -5.23 -5.82 8.39
C ASP C 68 -6.22 -5.30 7.36
N ASP C 69 -6.58 -6.13 6.39
CA ASP C 69 -7.67 -5.78 5.50
C ASP C 69 -8.92 -6.56 5.95
N THR C 70 -9.77 -5.88 6.73
CA THR C 70 -10.89 -6.50 7.41
C THR C 70 -12.07 -6.77 6.49
N LEU C 71 -12.15 -6.09 5.34
CA LEU C 71 -13.21 -6.42 4.40
C LEU C 71 -12.89 -7.72 3.69
N GLY C 72 -11.67 -7.82 3.15
CA GLY C 72 -11.27 -9.03 2.45
C GLY C 72 -10.90 -10.16 3.37
N GLY C 73 -10.68 -9.89 4.65
CA GLY C 73 -10.28 -10.93 5.58
C GLY C 73 -8.89 -11.45 5.26
N THR C 74 -7.91 -10.54 5.24
CA THR C 74 -6.50 -10.85 5.04
C THR C 74 -5.68 -10.01 6.00
N LEU C 75 -4.83 -10.67 6.76
CA LEU C 75 -3.87 -10.04 7.66
C LEU C 75 -2.50 -10.18 7.04
N THR C 76 -1.72 -9.11 7.01
CA THR C 76 -0.38 -9.14 6.42
C THR C 76 0.66 -8.73 7.43
N ILE C 77 1.69 -9.56 7.59
CA ILE C 77 2.84 -9.24 8.41
C ILE C 77 4.06 -9.08 7.51
N THR C 78 4.88 -8.07 7.81
CA THR C 78 6.09 -7.82 7.05
C THR C 78 7.27 -7.99 7.99
N LEU C 79 8.12 -8.98 7.72
CA LEU C 79 9.40 -9.11 8.41
C LEU C 79 10.44 -8.36 7.58
N ARG C 80 10.89 -7.23 8.11
CA ARG C 80 11.84 -6.38 7.41
C ARG C 80 13.27 -6.87 7.58
N ASN C 81 14.05 -6.86 6.49
CA ASN C 81 15.48 -7.18 6.57
C ASN C 81 15.69 -8.54 7.24
N LEU C 82 15.04 -9.56 6.67
CA LEU C 82 15.01 -10.89 7.26
C LEU C 82 16.42 -11.38 7.61
N GLN C 83 16.58 -11.89 8.82
CA GLN C 83 17.85 -12.36 9.35
C GLN C 83 17.76 -13.84 9.66
N PRO C 84 18.90 -14.55 9.69
CA PRO C 84 18.87 -15.98 10.05
C PRO C 84 18.25 -16.25 11.41
N HIS C 85 18.44 -15.36 12.39
CA HIS C 85 17.84 -15.59 13.69
C HIS C 85 16.33 -15.35 13.72
N ASP C 86 15.70 -14.97 12.60
CA ASP C 86 14.25 -14.81 12.53
C ASP C 86 13.50 -16.11 12.24
N ALA C 87 14.19 -17.17 11.82
CA ALA C 87 13.52 -18.44 11.53
C ALA C 87 13.01 -19.07 12.83
N GLY C 88 11.90 -19.76 12.71
CA GLY C 88 11.21 -20.25 13.90
C GLY C 88 9.72 -20.26 13.63
N LEU C 89 8.97 -20.60 14.67
CA LEU C 89 7.54 -20.77 14.56
C LEU C 89 6.81 -19.52 15.06
N TYR C 90 5.78 -19.11 14.33
CA TYR C 90 5.01 -17.94 14.72
C TYR C 90 3.52 -18.22 14.57
N GLN C 91 2.72 -17.26 15.04
CA GLN C 91 1.27 -17.42 15.08
C GLN C 91 0.60 -16.09 14.75
N CYS C 92 -0.34 -16.11 13.82
CA CYS C 92 -1.37 -15.10 13.71
C CYS C 92 -2.46 -15.39 14.73
N GLN C 93 -2.89 -14.37 15.46
CA GLN C 93 -3.93 -14.55 16.47
C GLN C 93 -5.02 -13.51 16.27
N SER C 94 -6.24 -13.94 16.55
CA SER C 94 -7.44 -13.11 16.57
C SER C 94 -7.79 -12.89 18.03
N LEU C 95 -7.79 -11.63 18.47
CA LEU C 95 -8.02 -11.29 19.88
C LEU C 95 -9.50 -11.04 20.12
N HIS C 96 -9.97 -11.45 21.29
CA HIS C 96 -11.33 -11.12 21.71
C HIS C 96 -11.39 -11.28 23.22
N GLY C 97 -11.76 -10.19 23.90
CA GLY C 97 -11.77 -10.14 25.35
C GLY C 97 -10.40 -10.28 25.96
N SER C 98 -10.05 -11.51 26.33
CA SER C 98 -8.72 -11.78 26.90
C SER C 98 -8.18 -13.10 26.38
N GLU C 99 -8.84 -13.72 25.39
CA GLU C 99 -8.39 -14.95 24.77
C GLU C 99 -7.88 -14.63 23.36
N ALA C 100 -7.00 -15.48 22.86
CA ALA C 100 -6.47 -15.35 21.50
C ALA C 100 -6.72 -16.65 20.74
N ASP C 101 -7.38 -16.55 19.59
CA ASP C 101 -7.61 -17.69 18.72
C ASP C 101 -6.56 -17.72 17.63
N THR C 102 -5.91 -18.87 17.46
CA THR C 102 -4.92 -19.03 16.40
C THR C 102 -5.61 -19.02 15.05
N LEU C 103 -5.27 -18.05 14.20
CA LEU C 103 -5.79 -18.10 12.84
C LEU C 103 -4.89 -18.90 11.91
N ARG C 104 -3.59 -18.94 12.16
CA ARG C 104 -2.64 -19.63 11.30
C ARG C 104 -1.28 -19.81 11.97
N LYS C 105 -0.74 -21.02 11.95
CA LYS C 105 0.60 -21.29 12.42
C LYS C 105 1.56 -21.18 11.25
N VAL C 106 2.65 -20.44 11.42
CA VAL C 106 3.57 -20.12 10.34
C VAL C 106 4.96 -20.55 10.73
N LEU C 107 5.62 -21.28 9.84
CA LEU C 107 7.05 -21.51 9.93
C LEU C 107 7.76 -20.56 8.97
N VAL C 108 8.68 -19.78 9.50
CA VAL C 108 9.49 -18.85 8.70
C VAL C 108 10.81 -19.53 8.36
N GLU C 109 11.21 -19.45 7.09
CA GLU C 109 12.45 -20.06 6.64
C GLU C 109 13.32 -19.01 5.96
N VAL C 110 14.52 -18.83 6.51
CA VAL C 110 15.50 -17.87 6.01
C VAL C 110 16.47 -18.61 5.11
N LEU C 111 16.72 -18.07 3.92
CA LEU C 111 17.61 -18.74 2.99
C LEU C 111 19.03 -18.17 3.08
N ALA C 112 19.43 -17.37 2.09
CA ALA C 112 20.80 -16.86 2.04
C ALA C 112 20.94 -15.76 1.00
N THR D 3 19.11 19.51 -26.70
CA THR D 3 18.03 19.04 -27.56
C THR D 3 17.89 17.52 -27.48
N THR D 4 16.66 17.04 -27.67
CA THR D 4 16.33 15.61 -27.62
C THR D 4 15.46 15.25 -28.83
N VAL D 5 15.65 14.03 -29.32
CA VAL D 5 15.02 13.57 -30.55
C VAL D 5 14.10 12.40 -30.22
N PHE D 6 12.87 12.47 -30.72
CA PHE D 6 11.89 11.38 -30.59
C PHE D 6 11.47 10.99 -32.01
N GLN D 7 11.63 9.71 -32.34
CA GLN D 7 11.19 9.21 -33.64
C GLN D 7 10.10 8.17 -33.46
N GLY D 8 9.10 8.21 -34.33
CA GLY D 8 8.01 7.27 -34.30
C GLY D 8 7.61 6.85 -35.70
N VAL D 9 7.06 5.64 -35.78
CA VAL D 9 6.57 5.14 -37.06
C VAL D 9 5.36 5.95 -37.51
N ALA D 10 5.20 6.09 -38.82
CA ALA D 10 4.08 6.86 -39.34
C ALA D 10 2.77 6.15 -39.04
N GLY D 11 1.72 6.94 -38.82
CA GLY D 11 0.39 6.42 -38.57
C GLY D 11 0.09 6.02 -37.14
N GLN D 12 1.11 5.82 -36.30
CA GLN D 12 0.91 5.43 -34.90
C GLN D 12 1.04 6.63 -33.98
N SER D 13 0.85 6.39 -32.68
CA SER D 13 1.00 7.43 -31.69
C SER D 13 2.45 7.57 -31.27
N LEU D 14 2.90 8.80 -31.11
CA LEU D 14 4.22 9.10 -30.54
C LEU D 14 4.04 9.74 -29.17
N GLN D 15 4.79 9.24 -28.19
CA GLN D 15 4.71 9.73 -26.82
C GLN D 15 5.98 10.49 -26.48
N VAL D 16 5.85 11.80 -26.30
CA VAL D 16 6.96 12.66 -25.93
C VAL D 16 6.87 12.94 -24.43
N SER D 17 7.91 12.57 -23.69
CA SER D 17 7.98 12.80 -22.25
C SER D 17 8.87 14.00 -21.96
N CYS D 18 8.50 14.78 -20.95
CA CYS D 18 9.21 16.02 -20.62
C CYS D 18 9.35 16.17 -19.11
N PRO D 19 10.50 15.80 -18.54
CA PRO D 19 10.70 15.95 -17.09
C PRO D 19 11.02 17.38 -16.70
N TYR D 20 10.66 17.72 -15.46
CA TYR D 20 10.97 19.01 -14.88
C TYR D 20 11.01 18.88 -13.36
N ASP D 21 11.56 19.89 -12.69
CA ASP D 21 11.57 19.90 -11.22
C ASP D 21 10.17 20.28 -10.71
N SER D 22 9.48 19.33 -10.09
CA SER D 22 8.09 19.56 -9.72
C SER D 22 7.95 20.68 -8.70
N MET D 23 8.96 20.87 -7.84
CA MET D 23 8.86 21.94 -6.84
C MET D 23 9.15 23.31 -7.46
N LYS D 24 10.13 23.39 -8.37
CA LYS D 24 10.45 24.67 -9.01
C LYS D 24 9.27 25.20 -9.81
N HIS D 25 8.57 24.33 -10.54
CA HIS D 25 7.46 24.74 -11.40
C HIS D 25 6.11 24.53 -10.75
N TRP D 26 6.06 24.49 -9.42
CA TRP D 26 4.81 24.27 -8.73
C TRP D 26 3.85 25.42 -9.02
N GLY D 27 2.62 25.09 -9.40
CA GLY D 27 1.65 26.11 -9.69
C GLY D 27 1.64 26.60 -11.14
N ARG D 28 2.58 26.17 -11.96
CA ARG D 28 2.66 26.72 -13.31
C ARG D 28 2.06 25.75 -14.33
N ARG D 29 1.27 26.31 -15.25
CA ARG D 29 0.80 25.55 -16.39
C ARG D 29 1.92 25.36 -17.42
N LYS D 30 1.74 24.40 -18.30
CA LYS D 30 2.73 24.04 -19.31
C LYS D 30 2.09 24.13 -20.69
N ALA D 31 2.93 24.29 -21.71
CA ALA D 31 2.47 24.45 -23.09
C ALA D 31 3.39 23.69 -24.02
N TRP D 32 2.81 23.21 -25.11
CA TRP D 32 3.52 22.55 -26.20
C TRP D 32 3.46 23.46 -27.42
N CYS D 33 4.63 23.83 -27.96
CA CYS D 33 4.65 24.74 -29.10
C CYS D 33 5.67 24.28 -30.14
N ARG D 34 5.49 24.77 -31.37
CA ARG D 34 6.31 24.41 -32.52
C ARG D 34 6.96 25.63 -33.14
N GLN D 35 8.21 25.46 -33.60
CA GLN D 35 9.01 26.58 -34.13
C GLN D 35 8.96 26.76 -35.64
N PRO D 41 10.12 31.98 -34.39
CA PRO D 41 8.92 32.05 -33.56
C PRO D 41 8.53 30.67 -33.00
N CYS D 42 7.47 30.61 -32.19
CA CYS D 42 7.02 29.34 -31.60
C CYS D 42 5.50 29.32 -31.55
N GLN D 43 4.91 28.64 -32.53
CA GLN D 43 3.46 28.49 -32.59
C GLN D 43 2.97 27.62 -31.44
N ARG D 44 2.07 28.13 -30.62
CA ARG D 44 1.54 27.36 -29.51
C ARG D 44 0.43 26.43 -29.98
N VAL D 45 0.58 25.14 -29.65
CA VAL D 45 -0.33 24.07 -30.03
C VAL D 45 -1.35 23.82 -28.91
N VAL D 46 -0.87 23.38 -27.74
CA VAL D 46 -1.73 23.11 -26.59
C VAL D 46 -1.05 23.50 -25.29
N SER D 47 -1.87 23.88 -24.31
CA SER D 47 -1.43 24.08 -22.94
C SER D 47 -2.24 23.18 -22.02
N THR D 48 -1.72 22.98 -20.80
CA THR D 48 -2.45 22.22 -19.80
C THR D 48 -3.66 23.02 -19.31
N HIS D 49 -4.54 22.34 -18.55
CA HIS D 49 -5.80 22.93 -18.13
C HIS D 49 -5.60 24.27 -17.43
N ASN D 50 -6.59 25.14 -17.52
CA ASN D 50 -6.47 26.44 -16.85
C ASN D 50 -6.48 26.29 -15.33
N LEU D 51 -7.09 25.24 -14.80
CA LEU D 51 -7.08 24.98 -13.37
C LEU D 51 -5.91 24.06 -13.07
N TRP D 52 -4.88 24.60 -12.38
CA TRP D 52 -3.64 23.85 -12.19
C TRP D 52 -3.88 22.55 -11.43
N LEU D 53 -4.85 22.52 -10.51
CA LEU D 53 -5.09 21.26 -9.81
C LEU D 53 -5.70 20.20 -10.72
N LEU D 54 -6.08 20.56 -11.95
CA LEU D 54 -6.60 19.61 -12.94
C LEU D 54 -5.60 19.38 -14.09
N SER D 55 -4.31 19.59 -13.82
CA SER D 55 -3.26 19.38 -14.81
C SER D 55 -3.23 17.95 -15.34
N PHE D 56 -3.73 16.96 -14.58
CA PHE D 56 -3.77 15.59 -15.09
C PHE D 56 -4.72 15.46 -16.28
N LEU D 57 -5.61 16.42 -16.49
CA LEU D 57 -6.62 16.30 -17.52
C LEU D 57 -5.98 16.32 -18.90
N ARG D 58 -6.30 15.30 -19.71
CA ARG D 58 -5.84 15.27 -21.09
C ARG D 58 -6.54 16.37 -21.89
N ARG D 59 -5.76 17.29 -22.47
CA ARG D 59 -6.29 18.34 -23.33
C ARG D 59 -5.79 18.16 -24.76
N TRP D 60 -6.60 18.58 -25.73
CA TRP D 60 -6.34 18.29 -27.14
C TRP D 60 -6.32 19.55 -28.00
N ASN D 61 -5.50 19.50 -29.06
CA ASN D 61 -5.61 20.36 -30.24
C ASN D 61 -5.45 19.43 -31.43
N GLY D 62 -6.55 19.19 -32.15
CA GLY D 62 -6.52 18.25 -33.25
C GLY D 62 -6.17 16.85 -32.81
N SER D 63 -5.02 16.33 -33.26
CA SER D 63 -4.56 15.02 -32.81
C SER D 63 -3.36 15.13 -31.87
N THR D 64 -3.21 16.28 -31.21
CA THR D 64 -2.17 16.49 -30.22
C THR D 64 -2.81 16.61 -28.83
N ALA D 65 -2.36 15.76 -27.91
CA ALA D 65 -2.84 15.77 -26.52
C ALA D 65 -1.67 16.13 -25.60
N ILE D 66 -2.00 16.86 -24.52
CA ILE D 66 -1.04 17.17 -23.47
C ILE D 66 -1.60 16.73 -22.12
N THR D 67 -0.72 16.21 -21.26
CA THR D 67 -1.11 15.84 -19.90
C THR D 67 0.10 15.96 -18.97
N ASP D 68 -0.16 16.29 -17.71
CA ASP D 68 0.91 16.70 -16.80
C ASP D 68 0.80 15.94 -15.49
N ASP D 69 1.91 15.28 -15.07
CA ASP D 69 2.02 14.73 -13.72
C ASP D 69 2.83 15.69 -12.86
N THR D 70 2.14 16.49 -12.06
CA THR D 70 2.81 17.55 -11.31
C THR D 70 3.46 17.03 -10.04
N LEU D 71 3.11 15.83 -9.58
CA LEU D 71 3.82 15.24 -8.45
C LEU D 71 5.16 14.66 -8.90
N GLY D 72 5.16 13.83 -9.94
CA GLY D 72 6.40 13.31 -10.46
C GLY D 72 7.24 14.32 -11.24
N GLY D 73 6.62 15.38 -11.76
CA GLY D 73 7.33 16.30 -12.62
C GLY D 73 7.53 15.74 -14.02
N THR D 74 6.49 15.16 -14.60
CA THR D 74 6.55 14.63 -15.95
C THR D 74 5.41 15.21 -16.78
N LEU D 75 5.77 15.88 -17.86
CA LEU D 75 4.81 16.38 -18.84
C LEU D 75 4.78 15.43 -20.03
N THR D 76 3.58 15.06 -20.48
CA THR D 76 3.45 14.06 -21.54
C THR D 76 2.67 14.64 -22.70
N ILE D 77 3.29 14.68 -23.88
CA ILE D 77 2.64 15.13 -25.11
C ILE D 77 2.42 13.91 -26.00
N THR D 78 1.20 13.74 -26.48
CA THR D 78 0.87 12.62 -27.34
C THR D 78 0.59 13.12 -28.75
N LEU D 79 1.26 12.51 -29.74
CA LEU D 79 1.05 12.82 -31.16
C LEU D 79 0.35 11.63 -31.81
N ARG D 80 -0.96 11.76 -32.00
CA ARG D 80 -1.76 10.72 -32.64
C ARG D 80 -1.61 10.78 -34.15
N ASN D 81 -1.58 9.62 -34.79
CA ASN D 81 -1.55 9.50 -36.24
C ASN D 81 -0.38 10.28 -36.85
N LEU D 82 0.83 9.87 -36.45
CA LEU D 82 2.04 10.58 -36.83
C LEU D 82 2.17 10.64 -38.35
N GLN D 83 2.08 11.85 -38.92
CA GLN D 83 2.20 12.08 -40.35
C GLN D 83 3.56 12.69 -40.68
N PRO D 84 4.01 12.59 -41.94
CA PRO D 84 5.31 13.19 -42.29
C PRO D 84 5.39 14.67 -42.01
N HIS D 85 4.26 15.39 -42.12
CA HIS D 85 4.23 16.81 -41.79
C HIS D 85 4.59 17.09 -40.33
N ASP D 86 4.44 16.11 -39.45
CA ASP D 86 4.61 16.33 -38.03
C ASP D 86 6.08 16.42 -37.60
N ALA D 87 7.02 16.24 -38.51
CA ALA D 87 8.44 16.34 -38.15
C ALA D 87 8.84 17.81 -38.08
N GLY D 88 9.85 18.10 -37.29
CA GLY D 88 10.27 19.47 -37.05
C GLY D 88 10.82 19.61 -35.63
N LEU D 89 10.79 20.85 -35.14
CA LEU D 89 11.30 21.18 -33.81
C LEU D 89 10.22 21.81 -32.95
N TYR D 90 10.14 21.35 -31.70
CA TYR D 90 9.12 21.78 -30.74
C TYR D 90 9.76 22.12 -29.40
N GLN D 91 8.91 22.66 -28.52
CA GLN D 91 9.31 23.09 -27.18
C GLN D 91 8.25 22.70 -26.16
N CYS D 92 8.67 22.07 -25.06
CA CYS D 92 7.88 22.09 -23.84
C CYS D 92 8.18 23.38 -23.11
N GLN D 93 7.16 24.10 -22.67
CA GLN D 93 7.44 25.27 -21.86
C GLN D 93 6.60 25.29 -20.59
N SER D 94 7.09 26.07 -19.64
CA SER D 94 6.46 26.32 -18.35
C SER D 94 6.01 27.77 -18.33
N LEU D 95 4.70 27.99 -18.24
CA LEU D 95 4.13 29.32 -18.33
C LEU D 95 4.02 29.95 -16.95
N HIS D 96 4.30 31.26 -16.88
CA HIS D 96 4.17 32.01 -15.64
C HIS D 96 4.02 33.49 -16.02
N GLY D 97 2.81 34.03 -15.84
CA GLY D 97 2.56 35.36 -16.35
C GLY D 97 2.61 35.37 -17.86
N SER D 98 3.24 36.39 -18.42
CA SER D 98 3.39 36.48 -19.88
C SER D 98 4.60 35.71 -20.39
N GLU D 99 5.61 35.50 -19.55
CA GLU D 99 6.82 34.80 -19.96
C GLU D 99 6.55 33.29 -20.12
N ALA D 100 7.61 32.56 -20.49
CA ALA D 100 7.53 31.12 -20.71
C ALA D 100 8.90 30.47 -20.81
N ASP D 101 9.41 29.92 -19.71
CA ASP D 101 10.67 29.19 -19.75
C ASP D 101 10.53 27.94 -20.60
N THR D 102 11.56 27.64 -21.39
CA THR D 102 11.62 26.38 -22.10
C THR D 102 12.04 25.29 -21.13
N LEU D 103 11.31 24.17 -21.13
CA LEU D 103 11.69 23.01 -20.36
C LEU D 103 12.60 22.11 -21.17
N ARG D 104 12.17 21.74 -22.38
CA ARG D 104 12.98 20.96 -23.30
C ARG D 104 12.66 21.40 -24.72
N LYS D 105 13.69 21.39 -25.57
CA LYS D 105 13.54 21.51 -27.00
C LYS D 105 13.59 20.11 -27.60
N VAL D 106 12.65 19.81 -28.49
CA VAL D 106 12.42 18.44 -28.94
C VAL D 106 12.34 18.42 -30.47
N LEU D 107 13.06 17.48 -31.08
CA LEU D 107 13.01 17.25 -32.51
C LEU D 107 12.31 15.92 -32.77
N VAL D 108 11.29 15.92 -33.61
CA VAL D 108 10.51 14.73 -33.90
C VAL D 108 10.83 14.25 -35.31
N GLU D 109 11.04 12.94 -35.45
CA GLU D 109 11.30 12.30 -36.73
C GLU D 109 10.23 11.25 -37.01
N VAL D 110 9.94 11.05 -38.29
CA VAL D 110 8.99 10.04 -38.73
C VAL D 110 9.73 9.00 -39.55
N LEU D 111 9.24 7.77 -39.51
CA LEU D 111 9.81 6.63 -40.22
C LEU D 111 8.75 5.98 -41.09
N ALA D 112 9.19 5.03 -41.92
CA ALA D 112 8.28 4.26 -42.75
C ALA D 112 8.88 2.89 -43.07
N THR E 3 -33.04 -17.50 -9.34
CA THR E 3 -33.10 -17.97 -7.96
C THR E 3 -31.91 -18.84 -7.63
N THR E 4 -30.94 -18.28 -6.93
CA THR E 4 -29.75 -19.01 -6.53
C THR E 4 -30.04 -19.81 -5.27
N VAL E 5 -29.31 -20.92 -5.09
CA VAL E 5 -29.48 -21.79 -3.94
C VAL E 5 -28.25 -21.69 -3.05
N PHE E 6 -28.47 -21.59 -1.73
CA PHE E 6 -27.41 -21.60 -0.74
C PHE E 6 -27.72 -22.72 0.25
N GLN E 7 -26.75 -23.61 0.48
CA GLN E 7 -26.97 -24.76 1.34
C GLN E 7 -25.96 -24.77 2.48
N GLY E 8 -26.45 -25.03 3.70
CA GLY E 8 -25.58 -25.00 4.86
C GLY E 8 -25.86 -26.11 5.84
N VAL E 9 -24.81 -26.66 6.45
CA VAL E 9 -24.97 -27.69 7.47
C VAL E 9 -25.67 -27.11 8.69
N ALA E 10 -26.62 -27.86 9.24
CA ALA E 10 -27.37 -27.40 10.40
C ALA E 10 -26.44 -27.16 11.59
N GLY E 11 -26.81 -26.19 12.42
CA GLY E 11 -26.02 -25.85 13.58
C GLY E 11 -24.77 -25.04 13.31
N GLN E 12 -24.52 -24.64 12.07
CA GLN E 12 -23.36 -23.83 11.73
C GLN E 12 -23.79 -22.63 10.90
N SER E 13 -22.87 -21.67 10.73
CA SER E 13 -23.18 -20.40 10.08
C SER E 13 -23.26 -20.55 8.56
N LEU E 14 -24.32 -20.02 7.96
CA LEU E 14 -24.44 -19.98 6.52
C LEU E 14 -24.33 -18.53 6.04
N GLN E 15 -23.40 -18.29 5.12
CA GLN E 15 -23.12 -16.95 4.60
C GLN E 15 -23.75 -16.84 3.22
N VAL E 16 -24.72 -15.94 3.09
CA VAL E 16 -25.43 -15.69 1.85
C VAL E 16 -24.95 -14.35 1.31
N SER E 17 -24.58 -14.33 0.04
CA SER E 17 -24.00 -13.16 -0.60
C SER E 17 -24.84 -12.75 -1.79
N CYS E 18 -25.19 -11.48 -1.85
CA CYS E 18 -25.98 -10.93 -2.95
C CYS E 18 -25.11 -9.84 -3.59
N PRO E 19 -24.64 -10.01 -4.82
CA PRO E 19 -23.96 -8.92 -5.51
C PRO E 19 -24.98 -7.96 -6.08
N TYR E 20 -24.56 -6.70 -6.26
CA TYR E 20 -25.41 -5.71 -6.91
C TYR E 20 -24.53 -4.62 -7.50
N ASP E 21 -25.16 -3.76 -8.30
CA ASP E 21 -24.46 -2.65 -8.96
C ASP E 21 -24.30 -1.50 -7.97
N SER E 22 -23.06 -1.22 -7.57
CA SER E 22 -22.81 -0.24 -6.50
C SER E 22 -23.25 1.17 -6.91
N MET E 23 -23.00 1.58 -8.15
CA MET E 23 -23.35 2.96 -8.49
C MET E 23 -24.85 3.11 -8.68
N LYS E 24 -25.50 2.09 -9.25
CA LYS E 24 -26.95 2.11 -9.42
C LYS E 24 -27.67 2.21 -8.07
N HIS E 25 -27.18 1.53 -7.04
CA HIS E 25 -27.85 1.53 -5.76
C HIS E 25 -27.21 2.46 -4.74
N TRP E 26 -26.33 3.34 -5.18
CA TRP E 26 -25.73 4.32 -4.29
C TRP E 26 -26.79 4.99 -3.42
N GLY E 27 -26.51 5.08 -2.12
CA GLY E 27 -27.38 5.73 -1.17
C GLY E 27 -28.53 4.90 -0.66
N ARG E 28 -28.82 3.75 -1.28
CA ARG E 28 -29.98 2.95 -0.90
C ARG E 28 -29.60 1.88 0.12
N ARG E 29 -30.40 1.78 1.18
CA ARG E 29 -30.29 0.70 2.14
C ARG E 29 -30.86 -0.59 1.55
N LYS E 30 -30.52 -1.70 2.21
CA LYS E 30 -30.90 -3.03 1.75
C LYS E 30 -31.67 -3.74 2.85
N ALA E 31 -32.43 -4.76 2.44
CA ALA E 31 -33.24 -5.56 3.35
C ALA E 31 -33.15 -7.02 2.97
N TRP E 32 -33.33 -7.88 3.97
CA TRP E 32 -33.42 -9.33 3.81
C TRP E 32 -34.80 -9.75 4.28
N CYS E 33 -35.59 -10.35 3.37
CA CYS E 33 -37.00 -10.66 3.59
C CYS E 33 -37.27 -12.13 3.31
N ARG E 34 -38.22 -12.70 4.04
CA ARG E 34 -38.57 -14.12 3.95
C ARG E 34 -39.94 -14.27 3.29
N GLN E 35 -40.03 -15.18 2.33
CA GLN E 35 -41.28 -15.45 1.61
C GLN E 35 -42.03 -16.62 2.21
N PRO E 41 -46.55 -13.13 0.28
CA PRO E 41 -45.87 -11.86 0.57
C PRO E 41 -44.40 -12.03 0.96
N CYS E 42 -43.76 -10.94 1.38
CA CYS E 42 -42.34 -10.90 1.72
C CYS E 42 -42.20 -10.27 3.11
N GLN E 43 -41.96 -11.10 4.12
CA GLN E 43 -41.87 -10.60 5.50
C GLN E 43 -40.44 -10.15 5.80
N ARG E 44 -40.29 -8.89 6.17
CA ARG E 44 -38.96 -8.32 6.40
C ARG E 44 -38.33 -8.94 7.64
N VAL E 45 -37.08 -9.38 7.51
CA VAL E 45 -36.33 -9.95 8.61
C VAL E 45 -35.35 -8.95 9.20
N VAL E 46 -34.48 -8.36 8.36
CA VAL E 46 -33.44 -7.46 8.84
C VAL E 46 -33.04 -6.54 7.69
N SER E 47 -32.62 -5.32 8.03
CA SER E 47 -32.19 -4.34 7.04
C SER E 47 -30.90 -3.67 7.54
N THR E 48 -30.16 -3.10 6.59
CA THR E 48 -28.91 -2.42 6.92
C THR E 48 -29.21 -1.15 7.71
N HIS E 49 -28.13 -0.55 8.23
CA HIS E 49 -28.22 0.59 9.14
C HIS E 49 -28.94 1.77 8.50
N ASN E 50 -29.69 2.52 9.32
CA ASN E 50 -30.41 3.71 8.84
C ASN E 50 -29.48 4.75 8.25
N LEU E 51 -28.24 4.82 8.75
CA LEU E 51 -27.26 5.76 8.22
C LEU E 51 -26.49 5.02 7.14
N TRP E 52 -26.71 5.41 5.88
CA TRP E 52 -26.18 4.63 4.77
C TRP E 52 -24.66 4.64 4.74
N LEU E 53 -24.03 5.68 5.30
CA LEU E 53 -22.56 5.65 5.38
C LEU E 53 -22.04 4.67 6.44
N LEU E 54 -22.93 4.07 7.24
CA LEU E 54 -22.53 3.00 8.15
C LEU E 54 -23.10 1.65 7.71
N SER E 55 -23.33 1.47 6.40
CA SER E 55 -23.85 0.20 5.90
C SER E 55 -22.95 -0.99 6.25
N PHE E 56 -21.65 -0.76 6.44
CA PHE E 56 -20.77 -1.87 6.82
C PHE E 56 -21.12 -2.46 8.18
N LEU E 57 -21.93 -1.77 8.98
CA LEU E 57 -22.27 -2.21 10.33
C LEU E 57 -23.12 -3.48 10.30
N ARG E 58 -22.70 -4.49 11.03
CA ARG E 58 -23.46 -5.72 11.14
C ARG E 58 -24.72 -5.48 11.97
N ARG E 59 -25.89 -5.72 11.37
CA ARG E 59 -27.14 -5.60 12.11
C ARG E 59 -27.76 -6.98 12.31
N TRP E 60 -28.33 -7.21 13.50
CA TRP E 60 -28.88 -8.50 13.87
C TRP E 60 -30.40 -8.44 14.07
N ASN E 61 -31.07 -9.51 13.67
CA ASN E 61 -32.44 -9.82 14.10
C ASN E 61 -32.45 -11.28 14.50
N GLY E 62 -32.43 -11.54 15.81
CA GLY E 62 -32.24 -12.92 16.25
C GLY E 62 -30.87 -13.39 15.80
N SER E 63 -30.83 -14.52 15.11
CA SER E 63 -29.58 -15.11 14.68
C SER E 63 -29.24 -14.78 13.23
N THR E 64 -29.98 -13.86 12.61
CA THR E 64 -29.68 -13.37 11.27
C THR E 64 -28.93 -12.06 11.38
N ALA E 65 -27.87 -11.91 10.59
CA ALA E 65 -27.11 -10.68 10.53
C ALA E 65 -26.98 -10.25 9.09
N ILE E 66 -26.89 -8.94 8.89
CA ILE E 66 -26.74 -8.34 7.56
C ILE E 66 -25.65 -7.28 7.61
N THR E 67 -24.83 -7.25 6.56
CA THR E 67 -23.81 -6.23 6.39
C THR E 67 -23.63 -5.96 4.90
N ASP E 68 -23.24 -4.74 4.58
CA ASP E 68 -23.22 -4.27 3.21
C ASP E 68 -21.87 -3.65 2.86
N ASP E 69 -21.30 -4.04 1.73
CA ASP E 69 -20.08 -3.46 1.17
C ASP E 69 -20.52 -2.62 -0.02
N THR E 70 -20.74 -1.32 0.23
CA THR E 70 -21.27 -0.43 -0.81
C THR E 70 -20.22 -0.04 -1.84
N LEU E 71 -18.95 -0.28 -1.57
CA LEU E 71 -17.91 0.01 -2.57
C LEU E 71 -17.84 -1.08 -3.62
N GLY E 72 -17.71 -2.34 -3.19
CA GLY E 72 -17.71 -3.48 -4.08
C GLY E 72 -19.09 -3.99 -4.49
N GLY E 73 -20.18 -3.49 -3.90
CA GLY E 73 -21.51 -3.91 -4.26
C GLY E 73 -21.83 -5.34 -3.88
N THR E 74 -21.52 -5.70 -2.64
CA THR E 74 -21.78 -7.05 -2.11
C THR E 74 -22.55 -6.92 -0.80
N LEU E 75 -23.73 -7.51 -0.75
CA LEU E 75 -24.51 -7.62 0.48
C LEU E 75 -24.35 -9.01 1.07
N THR E 76 -24.06 -9.08 2.37
CA THR E 76 -23.81 -10.36 3.04
C THR E 76 -24.84 -10.58 4.15
N ILE E 77 -25.54 -11.70 4.09
CA ILE E 77 -26.46 -12.13 5.13
C ILE E 77 -25.90 -13.37 5.81
N THR E 78 -25.85 -13.36 7.15
CA THR E 78 -25.37 -14.50 7.91
C THR E 78 -26.53 -15.13 8.66
N LEU E 79 -26.77 -16.42 8.44
CA LEU E 79 -27.73 -17.18 9.24
C LEU E 79 -26.93 -18.01 10.23
N ARG E 80 -26.81 -17.51 11.45
CA ARG E 80 -26.01 -18.18 12.47
C ARG E 80 -26.80 -19.38 12.98
N ASN E 81 -26.08 -20.48 13.25
CA ASN E 81 -26.67 -21.70 13.78
C ASN E 81 -27.91 -22.12 12.97
N LEU E 82 -27.62 -22.46 11.71
CA LEU E 82 -28.69 -22.77 10.78
C LEU E 82 -29.53 -23.93 11.30
N GLN E 83 -30.84 -23.80 11.16
CA GLN E 83 -31.77 -24.83 11.61
C GLN E 83 -32.79 -25.11 10.51
N PRO E 84 -33.32 -26.35 10.47
CA PRO E 84 -34.27 -26.72 9.40
C PRO E 84 -35.43 -25.75 9.21
N HIS E 85 -35.95 -25.13 10.28
CA HIS E 85 -37.06 -24.20 10.09
C HIS E 85 -36.64 -22.86 9.52
N ASP E 86 -35.35 -22.66 9.21
CA ASP E 86 -34.92 -21.48 8.47
C ASP E 86 -34.92 -21.70 6.97
N ALA E 87 -35.00 -22.96 6.53
CA ALA E 87 -35.10 -23.24 5.11
C ALA E 87 -36.34 -22.58 4.54
N GLY E 88 -36.24 -22.14 3.30
CA GLY E 88 -37.33 -21.43 2.66
C GLY E 88 -36.80 -20.51 1.56
N LEU E 89 -37.71 -19.70 1.04
CA LEU E 89 -37.41 -18.77 -0.04
C LEU E 89 -37.26 -17.37 0.54
N TYR E 90 -36.18 -16.67 0.19
CA TYR E 90 -35.90 -15.35 0.73
C TYR E 90 -35.61 -14.37 -0.41
N GLN E 91 -35.52 -13.09 -0.05
CA GLN E 91 -35.16 -12.05 -1.01
C GLN E 91 -34.16 -11.08 -0.42
N CYS E 92 -33.21 -10.67 -1.25
CA CYS E 92 -32.43 -9.46 -1.03
C CYS E 92 -33.17 -8.29 -1.68
N GLN E 93 -33.28 -7.17 -0.98
CA GLN E 93 -34.01 -6.03 -1.53
C GLN E 93 -33.24 -4.73 -1.38
N SER E 94 -33.48 -3.80 -2.30
CA SER E 94 -32.94 -2.45 -2.27
C SER E 94 -34.08 -1.48 -1.99
N LEU E 95 -34.00 -0.78 -0.86
CA LEU E 95 -35.06 0.12 -0.40
C LEU E 95 -34.85 1.52 -0.99
N HIS E 96 -35.87 2.03 -1.65
CA HIS E 96 -35.81 3.37 -2.21
C HIS E 96 -37.15 4.06 -1.99
N GLY E 97 -37.13 5.13 -1.19
CA GLY E 97 -38.30 5.94 -0.93
C GLY E 97 -39.30 5.25 -0.03
N SER E 98 -40.11 4.37 -0.61
CA SER E 98 -41.05 3.58 0.16
C SER E 98 -41.23 2.21 -0.50
N GLU E 99 -40.63 2.03 -1.68
CA GLU E 99 -40.72 0.79 -2.43
C GLU E 99 -39.53 -0.12 -2.09
N ALA E 100 -39.44 -1.25 -2.79
CA ALA E 100 -38.36 -2.21 -2.57
C ALA E 100 -38.21 -3.03 -3.83
N ASP E 101 -37.02 -3.00 -4.42
CA ASP E 101 -36.71 -3.77 -5.62
C ASP E 101 -35.93 -5.03 -5.23
N THR E 102 -36.34 -6.16 -5.80
CA THR E 102 -35.63 -7.41 -5.59
C THR E 102 -34.25 -7.35 -6.23
N LEU E 103 -33.20 -7.52 -5.42
CA LEU E 103 -31.87 -7.70 -5.99
C LEU E 103 -31.68 -9.15 -6.44
N ARG E 104 -32.04 -10.12 -5.61
CA ARG E 104 -31.92 -11.53 -5.94
C ARG E 104 -32.92 -12.33 -5.10
N LYS E 105 -33.35 -13.48 -5.64
CA LYS E 105 -34.13 -14.45 -4.89
C LYS E 105 -33.21 -15.61 -4.48
N VAL E 106 -33.32 -16.03 -3.22
CA VAL E 106 -32.32 -16.92 -2.63
C VAL E 106 -33.04 -18.07 -1.95
N LEU E 107 -32.70 -19.30 -2.34
CA LEU E 107 -33.25 -20.52 -1.77
C LEU E 107 -32.26 -21.04 -0.74
N VAL E 108 -32.68 -21.08 0.52
CA VAL E 108 -31.85 -21.57 1.60
C VAL E 108 -32.25 -23.01 1.91
N GLU E 109 -31.25 -23.89 1.99
CA GLU E 109 -31.44 -25.32 2.20
C GLU E 109 -30.49 -25.80 3.29
N VAL E 110 -30.95 -26.78 4.07
CA VAL E 110 -30.23 -27.24 5.25
C VAL E 110 -29.94 -28.73 5.11
N LEU E 111 -28.81 -29.15 5.68
CA LEU E 111 -28.44 -30.56 5.77
C LEU E 111 -28.10 -30.89 7.21
N ALA E 112 -28.26 -32.17 7.57
CA ALA E 112 -27.91 -32.65 8.92
C ALA E 112 -26.47 -32.32 9.30
N THR F 3 13.96 -2.71 35.40
CA THR F 3 15.14 -2.05 34.84
C THR F 3 15.98 -2.97 33.95
N THR F 4 16.21 -2.53 32.70
CA THR F 4 16.96 -3.28 31.73
C THR F 4 18.19 -2.46 31.30
N VAL F 5 19.24 -3.16 30.87
CA VAL F 5 20.51 -2.54 30.53
C VAL F 5 20.60 -2.32 29.03
N PHE F 6 21.06 -1.14 28.63
CA PHE F 6 21.40 -0.82 27.25
C PHE F 6 22.89 -0.47 27.24
N GLN F 7 23.71 -1.34 26.66
CA GLN F 7 25.14 -1.11 26.58
C GLN F 7 25.50 -0.64 25.17
N GLY F 8 26.40 0.32 25.11
CA GLY F 8 26.94 0.74 23.83
C GLY F 8 28.44 0.92 23.96
N VAL F 9 29.11 0.86 22.81
CA VAL F 9 30.54 1.13 22.75
C VAL F 9 30.76 2.64 22.72
N ALA F 10 31.81 3.08 23.44
CA ALA F 10 32.14 4.48 23.51
C ALA F 10 32.49 5.03 22.14
N GLY F 11 31.92 6.18 21.79
CA GLY F 11 32.18 6.82 20.51
C GLY F 11 31.12 6.60 19.44
N GLN F 12 30.12 5.77 19.70
CA GLN F 12 29.12 5.41 18.72
C GLN F 12 27.71 5.67 19.27
N SER F 13 26.75 5.79 18.35
CA SER F 13 25.38 6.09 18.73
C SER F 13 24.77 4.90 19.47
N LEU F 14 24.11 5.17 20.58
CA LEU F 14 23.33 4.15 21.26
C LEU F 14 21.85 4.50 21.15
N GLN F 15 21.05 3.50 20.80
CA GLN F 15 19.63 3.69 20.60
C GLN F 15 18.90 3.00 21.73
N VAL F 16 18.09 3.75 22.46
CA VAL F 16 17.23 3.19 23.50
C VAL F 16 15.81 3.19 22.99
N SER F 17 15.08 2.12 23.27
CA SER F 17 13.67 1.96 22.92
C SER F 17 12.84 1.88 24.20
N CYS F 18 11.68 2.53 24.20
CA CYS F 18 10.69 2.37 25.26
C CYS F 18 9.34 2.09 24.61
N PRO F 19 8.88 0.83 24.61
CA PRO F 19 7.51 0.55 24.17
C PRO F 19 6.50 1.08 25.18
N TYR F 20 5.32 1.43 24.70
CA TYR F 20 4.26 1.82 25.60
C TYR F 20 2.92 1.56 24.93
N ASP F 21 1.87 1.59 25.72
CA ASP F 21 0.51 1.35 25.26
C ASP F 21 0.05 2.63 24.56
N SER F 22 0.04 2.63 23.23
CA SER F 22 -0.22 3.89 22.52
C SER F 22 -1.62 4.43 22.82
N MET F 23 -2.59 3.56 23.08
CA MET F 23 -3.93 4.09 23.37
C MET F 23 -3.98 4.67 24.77
N LYS F 24 -3.39 3.98 25.74
CA LYS F 24 -3.37 4.49 27.11
C LYS F 24 -2.70 5.86 27.18
N HIS F 25 -1.62 6.07 26.43
CA HIS F 25 -0.89 7.33 26.53
C HIS F 25 -1.20 8.31 25.39
N TRP F 26 -2.33 8.13 24.70
CA TRP F 26 -2.71 9.03 23.61
C TRP F 26 -2.68 10.46 24.10
N GLY F 27 -2.10 11.36 23.30
CA GLY F 27 -2.06 12.77 23.64
C GLY F 27 -1.01 13.21 24.65
N ARG F 28 -0.24 12.30 25.24
CA ARG F 28 0.72 12.70 26.26
C ARG F 28 2.11 12.86 25.65
N ARG F 29 2.78 13.95 26.01
CA ARG F 29 4.18 14.10 25.67
C ARG F 29 5.02 13.13 26.51
N LYS F 30 6.27 12.92 26.07
CA LYS F 30 7.18 12.02 26.77
C LYS F 30 8.47 12.75 27.09
N ALA F 31 9.21 12.18 28.04
CA ALA F 31 10.45 12.77 28.53
C ALA F 31 11.45 11.69 28.88
N TRP F 32 12.72 12.06 28.74
CA TRP F 32 13.87 11.24 29.11
C TRP F 32 14.59 11.98 30.22
N CYS F 33 14.68 11.37 31.41
CA CYS F 33 15.35 12.06 32.50
C CYS F 33 16.27 11.12 33.27
N ARG F 34 17.27 11.71 33.89
CA ARG F 34 18.28 10.99 34.67
C ARG F 34 17.84 10.92 36.13
N GLN F 35 17.74 9.72 36.66
CA GLN F 35 17.35 9.52 38.04
C GLN F 35 18.60 9.45 38.92
N LEU F 36 18.76 10.44 39.80
CA LEU F 36 19.92 10.53 40.67
C LEU F 36 19.63 10.15 42.13
N GLY F 37 18.39 9.78 42.48
CA GLY F 37 18.12 9.34 43.82
C GLY F 37 17.00 8.32 43.86
N GLU F 38 16.91 7.64 44.99
CA GLU F 38 15.80 6.70 45.22
C GLU F 38 14.49 7.49 45.23
N LYS F 39 13.71 7.35 44.17
CA LYS F 39 12.50 8.15 43.95
C LYS F 39 12.73 9.61 44.36
N GLY F 40 13.73 10.21 43.71
CA GLY F 40 14.24 11.50 44.11
C GLY F 40 14.28 12.47 42.96
N PRO F 41 15.45 13.07 42.73
CA PRO F 41 15.57 14.00 41.60
C PRO F 41 15.65 13.25 40.28
N CYS F 42 14.79 13.63 39.34
CA CYS F 42 14.80 13.11 37.97
C CYS F 42 15.20 14.25 37.04
N GLN F 43 16.51 14.49 36.87
CA GLN F 43 16.93 15.65 36.09
C GLN F 43 16.47 15.47 34.65
N ARG F 44 15.58 16.34 34.19
CA ARG F 44 15.01 16.23 32.85
C ARG F 44 16.08 16.51 31.81
N VAL F 45 16.14 15.66 30.79
CA VAL F 45 17.16 15.77 29.75
C VAL F 45 16.57 16.30 28.45
N VAL F 46 15.55 15.64 27.93
CA VAL F 46 14.93 16.04 26.68
C VAL F 46 13.49 15.54 26.69
N SER F 47 12.59 16.32 26.09
CA SER F 47 11.20 15.91 25.98
C SER F 47 10.75 16.01 24.53
N THR F 48 9.71 15.25 24.20
CA THR F 48 9.16 15.31 22.87
C THR F 48 8.52 16.69 22.63
N HIS F 49 8.15 16.92 21.37
CA HIS F 49 7.73 18.26 20.96
C HIS F 49 6.52 18.71 21.78
N ASN F 50 6.48 20.01 22.11
CA ASN F 50 5.35 20.56 22.84
C ASN F 50 4.03 20.36 22.11
N LEU F 51 4.03 20.30 20.76
CA LEU F 51 2.84 20.00 19.98
C LEU F 51 2.77 18.49 19.74
N TRP F 52 1.76 17.85 20.32
CA TRP F 52 1.79 16.39 20.39
C TRP F 52 1.61 15.77 19.01
N LEU F 53 0.91 16.46 18.09
CA LEU F 53 0.80 15.88 16.75
C LEU F 53 2.13 15.90 16.00
N LEU F 54 3.10 16.65 16.52
CA LEU F 54 4.45 16.70 15.99
C LEU F 54 5.43 15.84 16.81
N SER F 55 4.91 14.80 17.49
CA SER F 55 5.76 13.98 18.37
C SER F 55 6.84 13.22 17.60
N PHE F 56 6.66 13.04 16.29
CA PHE F 56 7.66 12.39 15.44
C PHE F 56 8.90 13.24 15.26
N LEU F 57 8.82 14.54 15.57
CA LEU F 57 9.93 15.45 15.34
C LEU F 57 11.08 15.12 16.29
N ARG F 58 12.29 15.08 15.74
CA ARG F 58 13.49 14.78 16.50
C ARG F 58 13.91 15.98 17.35
N ARG F 59 13.90 15.82 18.67
CA ARG F 59 14.26 16.89 19.60
C ARG F 59 15.59 16.60 20.27
N TRP F 60 16.45 17.62 20.38
CA TRP F 60 17.83 17.45 20.83
C TRP F 60 18.09 18.18 22.14
N ASN F 61 18.96 17.58 22.96
CA ASN F 61 19.65 18.30 24.03
C ASN F 61 21.09 17.82 24.00
N GLY F 62 22.00 18.66 23.52
CA GLY F 62 23.37 18.23 23.38
C GLY F 62 23.45 17.11 22.37
N SER F 63 24.03 15.98 22.76
CA SER F 63 24.12 14.85 21.85
C SER F 63 23.02 13.81 22.09
N THR F 64 21.95 14.17 22.83
CA THR F 64 20.84 13.26 23.09
C THR F 64 19.64 13.67 22.23
N ALA F 65 19.04 12.72 21.52
CA ALA F 65 17.84 12.97 20.73
C ALA F 65 16.69 12.07 21.18
N ILE F 66 15.47 12.57 21.05
CA ILE F 66 14.25 11.82 21.32
C ILE F 66 13.28 11.95 20.15
N THR F 67 12.66 10.84 19.76
CA THR F 67 11.54 10.83 18.82
C THR F 67 10.53 9.80 19.28
N ASP F 68 9.27 10.06 18.97
CA ASP F 68 8.16 9.26 19.47
C ASP F 68 7.29 8.80 18.31
N ASP F 69 7.06 7.50 18.21
CA ASP F 69 6.08 6.93 17.29
C ASP F 69 4.81 6.68 18.12
N THR F 70 3.85 7.60 18.01
CA THR F 70 2.66 7.54 18.85
C THR F 70 1.63 6.56 18.33
N LEU F 71 1.73 6.15 17.07
CA LEU F 71 0.84 5.15 16.49
C LEU F 71 1.26 3.74 16.88
N GLY F 72 2.53 3.40 16.70
CA GLY F 72 3.03 2.11 17.12
C GLY F 72 3.28 1.99 18.62
N GLY F 73 3.35 3.11 19.34
CA GLY F 73 3.71 3.12 20.75
C GLY F 73 5.17 2.78 21.02
N THR F 74 6.11 3.54 20.43
CA THR F 74 7.54 3.32 20.64
C THR F 74 8.23 4.67 20.80
N LEU F 75 8.81 4.91 21.98
CA LEU F 75 9.69 6.05 22.16
C LEU F 75 11.14 5.64 21.89
N THR F 76 11.87 6.47 21.14
CA THR F 76 13.26 6.20 20.77
C THR F 76 14.12 7.35 21.28
N ILE F 77 15.12 7.03 22.11
CA ILE F 77 16.13 7.99 22.53
C ILE F 77 17.44 7.60 21.85
N THR F 78 18.10 8.58 21.25
CA THR F 78 19.40 8.38 20.62
C THR F 78 20.47 9.09 21.45
N LEU F 79 21.49 8.35 21.86
CA LEU F 79 22.65 8.93 22.55
C LEU F 79 23.79 8.91 21.55
N ARG F 80 24.04 10.04 20.90
CA ARG F 80 25.09 10.12 19.91
C ARG F 80 26.44 10.20 20.62
N ASN F 81 27.44 9.53 20.06
CA ASN F 81 28.81 9.62 20.56
C ASN F 81 28.82 9.31 22.07
N LEU F 82 28.47 8.07 22.37
CA LEU F 82 28.28 7.67 23.76
C LEU F 82 29.60 7.82 24.53
N GLN F 83 29.54 8.48 25.67
CA GLN F 83 30.69 8.73 26.53
C GLN F 83 30.38 8.28 27.96
N PRO F 84 31.41 8.02 28.76
CA PRO F 84 31.19 7.62 30.16
C PRO F 84 30.25 8.51 30.96
N HIS F 85 30.30 9.83 30.80
CA HIS F 85 29.37 10.67 31.56
C HIS F 85 27.90 10.46 31.14
N ASP F 86 27.64 9.68 30.08
CA ASP F 86 26.26 9.34 29.73
C ASP F 86 25.71 8.17 30.54
N ALA F 87 26.59 7.37 31.15
CA ALA F 87 26.15 6.19 31.87
C ALA F 87 25.26 6.58 33.06
N GLY F 88 24.36 5.69 33.45
CA GLY F 88 23.50 6.01 34.56
C GLY F 88 22.13 5.40 34.39
N LEU F 89 21.25 5.76 35.32
CA LEU F 89 19.89 5.28 35.41
C LEU F 89 18.97 6.36 34.84
N TYR F 90 18.14 5.98 33.88
CA TYR F 90 17.25 6.93 33.23
C TYR F 90 15.82 6.45 33.27
N GLN F 91 14.90 7.40 33.19
CA GLN F 91 13.48 7.13 33.07
C GLN F 91 12.92 7.61 31.73
N CYS F 92 12.18 6.73 31.07
CA CYS F 92 11.19 7.11 30.06
C CYS F 92 9.90 7.47 30.77
N GLN F 93 9.40 8.69 30.57
CA GLN F 93 8.21 9.18 31.26
C GLN F 93 7.11 9.59 30.28
N SER F 94 5.86 9.41 30.72
CA SER F 94 4.69 9.94 30.04
C SER F 94 4.17 11.12 30.87
N LEU F 95 4.06 12.30 30.24
CA LEU F 95 3.76 13.54 30.95
C LEU F 95 2.28 13.88 30.90
N HIS F 96 1.74 14.38 32.02
CA HIS F 96 0.35 14.83 32.10
C HIS F 96 0.21 15.84 33.23
N GLY F 97 -0.16 17.06 32.87
CA GLY F 97 -0.29 18.12 33.86
C GLY F 97 1.07 18.42 34.45
N SER F 98 1.16 18.28 35.76
CA SER F 98 2.41 18.43 36.49
C SER F 98 3.07 17.10 36.80
N GLU F 99 2.44 16.00 36.40
CA GLU F 99 2.84 14.68 36.86
C GLU F 99 3.73 13.99 35.82
N ALA F 100 4.04 12.72 36.08
CA ALA F 100 4.81 11.89 35.18
C ALA F 100 4.53 10.44 35.55
N ASP F 101 4.22 9.62 34.56
CA ASP F 101 4.15 8.18 34.75
C ASP F 101 5.41 7.57 34.16
N THR F 102 6.00 6.64 34.89
CA THR F 102 7.23 5.99 34.45
C THR F 102 6.88 4.93 33.41
N LEU F 103 7.39 5.09 32.21
CA LEU F 103 7.17 4.11 31.17
C LEU F 103 8.20 2.99 31.20
N ARG F 104 9.45 3.31 31.52
CA ARG F 104 10.53 2.34 31.57
C ARG F 104 11.69 2.94 32.37
N LYS F 105 12.43 2.06 33.04
CA LYS F 105 13.68 2.42 33.69
C LYS F 105 14.81 1.75 32.93
N VAL F 106 15.83 2.52 32.59
CA VAL F 106 16.90 2.06 31.72
C VAL F 106 18.25 2.35 32.37
N LEU F 107 19.13 1.35 32.37
CA LEU F 107 20.52 1.52 32.75
C LEU F 107 21.35 1.64 31.48
N VAL F 108 22.00 2.79 31.30
CA VAL F 108 22.92 3.01 30.20
C VAL F 108 24.34 2.67 30.66
N GLU F 109 24.97 1.73 29.98
CA GLU F 109 26.35 1.38 30.28
C GLU F 109 27.22 1.58 29.06
N VAL F 110 28.47 1.93 29.31
CA VAL F 110 29.42 2.25 28.27
C VAL F 110 30.53 1.22 28.30
N LEU F 111 30.94 0.77 27.11
CA LEU F 111 32.08 -0.13 26.95
C LEU F 111 33.12 0.53 26.04
N ALA F 112 34.40 0.30 26.34
CA ALA F 112 35.48 0.93 25.58
C ALA F 112 35.74 0.20 24.26
C1 NAG G . 13.46 11.26 -14.19
C2 NAG G . 14.01 12.27 -13.19
C3 NAG G . 14.45 13.52 -13.91
C4 NAG G . 15.45 13.18 -15.00
C5 NAG G . 14.96 12.06 -15.91
C6 NAG G . 16.06 11.53 -16.81
C7 NAG G . 13.25 12.46 -10.84
C8 NAG G . 12.12 12.87 -9.94
N2 NAG G . 13.02 12.60 -12.16
O3 NAG G . 15.05 14.40 -12.97
O4 NAG G . 15.68 14.34 -15.79
O5 NAG G . 14.47 10.93 -15.16
O6 NAG G . 15.75 10.22 -17.26
O7 NAG G . 14.32 12.05 -10.40
I IOD H . -14.58 10.19 -12.10
C1 NAG I . -18.89 -10.25 -8.31
C2 NAG I . -19.38 -9.10 -9.18
C3 NAG I . -20.87 -9.26 -9.42
C4 NAG I . -21.13 -10.60 -10.08
C5 NAG I . -20.51 -11.74 -9.25
C6 NAG I . -20.59 -13.10 -9.93
C7 NAG I . -18.06 -7.03 -9.04
C8 NAG I . -17.85 -5.74 -8.31
N2 NAG I . -19.05 -7.81 -8.59
O3 NAG I . -21.34 -8.17 -10.21
O4 NAG I . -22.53 -10.82 -10.23
O5 NAG I . -19.12 -11.49 -8.98
O6 NAG I . -19.31 -13.73 -10.01
O7 NAG I . -17.36 -7.34 -10.01
I IOD J . -13.11 1.93 15.87
C1 NAG K . 7.99 -5.84 20.39
C2 NAG K . 7.18 -5.37 21.57
C3 NAG K . 7.99 -5.50 22.85
C4 NAG K . 8.44 -6.95 23.01
C5 NAG K . 9.18 -7.44 21.76
C6 NAG K . 9.48 -8.92 21.82
C7 NAG K . 5.57 -3.54 21.76
C8 NAG K . 5.30 -2.11 21.41
N2 NAG K . 6.76 -4.00 21.36
O3 NAG K . 7.18 -5.09 23.95
O4 NAG K . 9.29 -7.06 24.15
O5 NAG K . 8.38 -7.22 20.58
O6 NAG K . 10.32 -9.31 20.74
O7 NAG K . 4.78 -4.23 22.39
S SO4 L . -3.99 -14.90 2.12
O1 SO4 L . -3.93 -15.01 3.53
O2 SO4 L . -3.31 -13.69 1.71
O3 SO4 L . -5.30 -14.71 1.60
O4 SO4 L . -3.34 -16.08 1.70
C1 NAG M . -4.64 24.61 -32.33
C2 NAG M . -4.98 26.00 -31.80
C3 NAG M . -5.03 27.01 -32.95
C4 NAG M . -3.72 26.98 -33.72
C5 NAG M . -3.44 25.56 -34.20
C6 NAG M . -2.11 25.41 -34.92
C7 NAG M . -6.43 26.60 -29.90
C8 NAG M . -7.79 26.47 -29.30
N2 NAG M . -6.25 25.99 -31.08
O3 NAG M . -5.25 28.32 -32.43
O4 NAG M . -3.80 27.87 -34.84
O5 NAG M . -3.40 24.66 -33.07
O6 NAG M . -1.34 26.60 -34.87
O7 NAG M . -5.52 27.22 -29.34
I IOD N . -25.34 8.84 6.55
I IOD O . -32.67 6.52 -4.77
I IOD P . -35.94 -3.78 9.91
C1 NAG Q . -37.26 -9.62 12.62
C2 NAG Q . -38.00 -10.83 13.18
C3 NAG Q . -39.51 -10.65 12.98
C4 NAG Q . -39.97 -9.29 13.47
C5 NAG Q . -39.09 -8.18 12.91
C6 NAG Q . -39.41 -6.81 13.43
C7 NAG Q . -36.77 -12.97 13.14
C8 NAG Q . -36.41 -14.18 12.30
N2 NAG Q . -37.55 -12.06 12.54
O3 NAG Q . -40.21 -11.68 13.67
O4 NAG Q . -41.31 -9.06 13.06
O5 NAG Q . -37.72 -8.45 13.24
O6 NAG Q . -38.26 -5.96 13.33
O7 NAG Q . -36.37 -12.85 14.29
C1 NAG R . 19.87 19.30 28.92
C2 NAG R . 18.95 20.48 29.27
C3 NAG R . 19.42 21.15 30.55
C4 NAG R . 19.56 20.14 31.67
C5 NAG R . 20.47 19.00 31.24
C6 NAG R . 20.55 17.89 32.27
C7 NAG R . 17.86 21.51 27.33
C8 NAG R . 17.99 22.53 26.23
N2 NAG R . 18.91 21.42 28.17
O3 NAG R . 18.48 22.15 30.92
O4 NAG R . 20.08 20.76 32.84
O5 NAG R . 19.95 18.40 30.04
O6 NAG R . 21.31 16.79 31.81
O7 NAG R . 16.86 20.81 27.45
#